data_2LAF
#
_entry.id   2LAF
#
_entity_poly.entity_id   1
_entity_poly.type   'polypeptide(L)'
_entity_poly.pdbx_seq_one_letter_code
;GAMGDTASLLVENGRGNTLWPQVVSVLQAKNYTITQRDDAGQTLTTDWVQWNRLDEDEQYRGRYQISVKPQGYQQAVTVK
LLNLEQAGKPVADAASMQRYSTEMMNVISAGLDKSATDAANAAQNRASTTMDVQSAADDTGLPMLVVRGPFNVVWQRLPA
ALEKVGMKVTDSTRSQGNMAVTYKPLSDSDWQELGASDPGLASGDYKLQVGDLDNRSSLQFIDPKGHTLTQSQNDALVAV
FQAAFSKPG
;
_entity_poly.pdbx_strand_id   A
#
# COMPACT_ATOMS: atom_id res chain seq x y z
N GLY A 4 6.90 -1.35 -11.74
CA GLY A 4 6.37 -2.67 -12.04
C GLY A 4 5.88 -3.37 -10.78
N ASP A 5 6.48 -3.03 -9.65
CA ASP A 5 6.11 -3.62 -8.38
C ASP A 5 5.91 -2.56 -7.30
N THR A 6 6.08 -1.31 -7.68
CA THR A 6 6.01 -0.20 -6.74
C THR A 6 5.16 0.94 -7.29
N ALA A 7 4.21 1.41 -6.48
CA ALA A 7 3.38 2.55 -6.84
C ALA A 7 3.93 3.84 -6.24
N SER A 8 3.85 4.93 -7.01
CA SER A 8 4.33 6.22 -6.55
C SER A 8 3.19 7.23 -6.49
N LEU A 9 2.85 7.66 -5.27
CA LEU A 9 1.77 8.61 -5.06
C LEU A 9 2.32 10.00 -4.76
N LEU A 10 1.93 10.98 -5.56
CA LEU A 10 2.27 12.37 -5.30
C LEU A 10 1.26 13.02 -4.36
N VAL A 11 1.75 13.61 -3.28
CA VAL A 11 0.88 14.19 -2.26
C VAL A 11 1.00 15.72 -2.24
N GLU A 12 -0.12 16.38 -2.51
CA GLU A 12 -0.12 17.84 -2.64
C GLU A 12 -0.37 18.51 -1.29
N ASN A 13 0.01 19.78 -1.18
CA ASN A 13 -0.26 20.56 0.02
C ASN A 13 0.54 20.03 1.20
N GLY A 14 1.62 19.32 0.91
CA GLY A 14 2.51 18.83 1.95
C GLY A 14 1.77 17.98 2.97
N ARG A 15 0.79 17.22 2.48
CA ARG A 15 -0.10 16.47 3.36
C ARG A 15 0.51 15.14 3.76
N GLY A 16 1.65 14.82 3.16
CA GLY A 16 2.32 13.55 3.41
C GLY A 16 2.66 13.38 4.89
N ASN A 17 2.89 14.50 5.56
CA ASN A 17 3.23 14.49 6.98
C ASN A 17 2.01 14.14 7.83
N THR A 18 0.83 14.38 7.28
CA THR A 18 -0.41 14.06 7.98
C THR A 18 -1.09 12.84 7.38
N LEU A 19 -0.59 12.40 6.23
CA LEU A 19 -1.20 11.29 5.50
C LEU A 19 -0.87 9.96 6.16
N TRP A 20 0.37 9.81 6.59
CA TRP A 20 0.87 8.53 7.08
C TRP A 20 -0.02 7.99 8.20
N PRO A 21 -0.28 8.82 9.20
CA PRO A 21 -1.08 8.42 10.35
C PRO A 21 -2.52 8.16 9.95
N GLN A 22 -2.95 8.79 8.85
CA GLN A 22 -4.27 8.54 8.29
C GLN A 22 -4.31 7.20 7.55
N VAL A 23 -3.18 6.85 6.92
CA VAL A 23 -3.04 5.55 6.29
C VAL A 23 -3.15 4.43 7.31
N VAL A 24 -2.50 4.61 8.46
CA VAL A 24 -2.62 3.67 9.56
C VAL A 24 -4.06 3.53 10.03
N SER A 25 -4.73 4.67 10.19
CA SER A 25 -6.11 4.69 10.66
C SER A 25 -7.04 3.97 9.68
N VAL A 26 -6.81 4.21 8.39
CA VAL A 26 -7.65 3.62 7.36
C VAL A 26 -7.40 2.11 7.22
N LEU A 27 -6.12 1.73 7.31
CA LEU A 27 -5.76 0.32 7.29
C LEU A 27 -6.46 -0.45 8.41
N GLN A 28 -6.45 0.11 9.61
CA GLN A 28 -7.14 -0.49 10.74
C GLN A 28 -8.65 -0.47 10.53
N ALA A 29 -9.14 0.57 9.86
CA ALA A 29 -10.56 0.69 9.56
C ALA A 29 -10.99 -0.39 8.57
N LYS A 30 -10.06 -0.84 7.74
CA LYS A 30 -10.34 -1.89 6.76
C LYS A 30 -10.00 -3.26 7.31
N ASN A 31 -9.67 -3.31 8.60
CA ASN A 31 -9.35 -4.58 9.25
C ASN A 31 -8.08 -5.20 8.67
N TYR A 32 -7.14 -4.35 8.29
CA TYR A 32 -5.85 -4.81 7.78
C TYR A 32 -4.76 -4.70 8.83
N THR A 33 -4.16 -5.84 9.16
CA THR A 33 -3.15 -5.89 10.21
C THR A 33 -1.86 -5.22 9.77
N ILE A 34 -1.31 -4.38 10.66
CA ILE A 34 0.01 -3.79 10.43
C ILE A 34 1.05 -4.43 11.33
N THR A 35 2.16 -4.85 10.73
CA THR A 35 3.15 -5.66 11.43
C THR A 35 4.20 -4.80 12.11
N GLN A 36 4.48 -3.65 11.51
CA GLN A 36 5.38 -2.67 12.12
C GLN A 36 5.10 -1.27 11.61
N ARG A 37 5.37 -0.27 12.44
CA ARG A 37 5.15 1.12 12.07
C ARG A 37 6.20 2.03 12.70
N ASP A 38 6.50 3.13 12.02
CA ASP A 38 7.47 4.10 12.51
C ASP A 38 7.04 5.52 12.19
N ASP A 39 6.47 6.21 13.17
CA ASP A 39 5.97 7.57 12.98
C ASP A 39 7.09 8.52 12.58
N ALA A 40 8.21 8.43 13.29
CA ALA A 40 9.33 9.33 13.07
C ALA A 40 9.86 9.20 11.64
N GLY A 41 9.94 7.97 11.16
CA GLY A 41 10.43 7.71 9.80
C GLY A 41 9.27 7.61 8.81
N GLN A 42 8.06 7.83 9.31
CA GLN A 42 6.87 7.76 8.46
C GLN A 42 6.91 6.53 7.57
N THR A 43 7.14 5.38 8.16
CA THR A 43 7.21 4.13 7.42
C THR A 43 6.52 2.99 8.16
N LEU A 44 5.81 2.15 7.43
CA LEU A 44 5.13 0.99 8.01
C LEU A 44 5.12 -0.19 7.07
N THR A 45 4.92 -1.38 7.62
CA THR A 45 4.76 -2.58 6.80
C THR A 45 3.53 -3.37 7.22
N THR A 46 2.72 -3.77 6.24
CA THR A 46 1.45 -4.42 6.51
C THR A 46 1.59 -5.94 6.46
N ASP A 47 0.62 -6.64 7.06
CA ASP A 47 0.50 -8.08 6.89
C ASP A 47 -0.30 -8.43 5.65
N TRP A 48 -0.46 -9.73 5.40
CA TRP A 48 -1.25 -10.20 4.27
C TRP A 48 -2.54 -9.39 4.11
N VAL A 49 -2.65 -8.68 3.01
CA VAL A 49 -3.85 -7.90 2.73
C VAL A 49 -4.73 -8.59 1.69
N GLN A 50 -5.99 -8.84 2.05
CA GLN A 50 -6.94 -9.44 1.13
C GLN A 50 -7.87 -8.39 0.54
N TRP A 51 -7.87 -8.27 -0.79
CA TRP A 51 -8.75 -7.34 -1.47
C TRP A 51 -10.05 -8.00 -1.90
N ASN A 52 -11.02 -7.19 -2.29
CA ASN A 52 -12.31 -7.70 -2.73
C ASN A 52 -12.80 -6.97 -3.98
N ARG A 53 -12.22 -7.31 -5.12
CA ARG A 53 -12.68 -6.79 -6.41
C ARG A 53 -13.92 -7.52 -6.88
N LEU A 54 -14.67 -6.88 -7.78
CA LEU A 54 -15.90 -7.46 -8.31
C LEU A 54 -15.61 -8.70 -9.13
N ASP A 55 -14.44 -8.74 -9.74
CA ASP A 55 -14.03 -9.88 -10.56
C ASP A 55 -13.01 -10.75 -9.83
N GLU A 56 -12.96 -10.61 -8.51
CA GLU A 56 -12.01 -11.36 -7.70
C GLU A 56 -12.70 -12.48 -6.94
N ASP A 57 -12.42 -13.71 -7.33
CA ASP A 57 -13.03 -14.88 -6.69
C ASP A 57 -12.04 -15.58 -5.78
N GLU A 58 -10.77 -15.58 -6.17
CA GLU A 58 -9.73 -16.29 -5.42
C GLU A 58 -9.19 -15.43 -4.30
N GLN A 59 -8.84 -16.06 -3.19
CA GLN A 59 -8.30 -15.35 -2.04
C GLN A 59 -6.89 -14.84 -2.32
N TYR A 60 -6.72 -13.53 -2.25
CA TYR A 60 -5.41 -12.91 -2.46
C TYR A 60 -4.70 -12.65 -1.14
N ARG A 61 -3.39 -12.85 -1.12
CA ARG A 61 -2.58 -12.52 0.04
C ARG A 61 -1.24 -11.94 -0.37
N GLY A 62 -0.59 -11.22 0.55
CA GLY A 62 0.65 -10.52 0.24
C GLY A 62 0.75 -9.21 1.02
N ARG A 63 1.96 -8.73 1.20
CA ARG A 63 2.23 -7.63 2.11
C ARG A 63 2.60 -6.36 1.36
N TYR A 64 2.48 -5.21 2.02
CA TYR A 64 2.82 -3.93 1.43
C TYR A 64 3.74 -3.13 2.33
N GLN A 65 4.74 -2.49 1.74
CA GLN A 65 5.59 -1.55 2.48
C GLN A 65 5.30 -0.11 2.07
N ILE A 66 4.89 0.70 3.04
CA ILE A 66 4.50 2.07 2.77
C ILE A 66 5.43 3.06 3.47
N SER A 67 6.13 3.86 2.67
CA SER A 67 7.12 4.79 3.21
C SER A 67 6.96 6.18 2.60
N VAL A 68 6.87 7.19 3.45
CA VAL A 68 6.67 8.56 3.00
C VAL A 68 7.99 9.30 2.89
N LYS A 69 8.21 9.97 1.76
CA LYS A 69 9.46 10.66 1.50
C LYS A 69 9.20 12.10 1.04
N PRO A 70 9.93 13.04 1.64
CA PRO A 70 9.78 14.45 1.29
C PRO A 70 10.31 14.71 -0.12
N GLN A 71 9.65 15.62 -0.82
CA GLN A 71 10.03 15.95 -2.20
C GLN A 71 10.04 17.46 -2.42
N GLY A 72 11.05 18.13 -1.87
CA GLY A 72 11.16 19.58 -1.97
C GLY A 72 10.16 20.28 -1.07
N TYR A 73 9.11 20.82 -1.67
CA TYR A 73 8.06 21.50 -0.91
C TYR A 73 6.81 20.63 -0.82
N GLN A 74 6.83 19.49 -1.50
CA GLN A 74 5.71 18.55 -1.45
C GLN A 74 6.16 17.20 -0.92
N GLN A 75 5.22 16.27 -0.82
CA GLN A 75 5.51 14.94 -0.29
C GLN A 75 5.17 13.85 -1.30
N ALA A 76 5.82 12.70 -1.18
CA ALA A 76 5.48 11.54 -1.98
C ALA A 76 5.37 10.28 -1.13
N VAL A 77 4.58 9.32 -1.59
CA VAL A 77 4.42 8.05 -0.88
C VAL A 77 4.86 6.88 -1.75
N THR A 78 5.81 6.10 -1.25
CA THR A 78 6.28 4.91 -1.95
C THR A 78 5.56 3.66 -1.42
N VAL A 79 4.87 2.97 -2.31
CA VAL A 79 4.12 1.77 -1.94
C VAL A 79 4.64 0.55 -2.69
N LYS A 80 5.44 -0.27 -2.00
CA LYS A 80 6.08 -1.43 -2.62
C LYS A 80 5.32 -2.70 -2.33
N LEU A 81 5.03 -3.47 -3.36
CA LEU A 81 4.39 -4.78 -3.21
C LEU A 81 5.41 -5.84 -2.80
N LEU A 82 5.19 -6.45 -1.64
CA LEU A 82 6.16 -7.36 -1.04
C LEU A 82 5.92 -8.80 -1.48
N ASN A 83 4.67 -9.11 -1.78
CA ASN A 83 4.29 -10.47 -2.17
C ASN A 83 2.97 -10.48 -2.92
N LEU A 84 2.86 -11.35 -3.91
CA LEU A 84 1.62 -11.50 -4.67
C LEU A 84 1.26 -12.97 -4.82
N GLU A 85 0.33 -13.44 -4.00
CA GLU A 85 -0.15 -14.81 -4.06
C GLU A 85 -1.66 -14.87 -4.27
N GLN A 86 -2.07 -15.44 -5.40
CA GLN A 86 -3.49 -15.72 -5.63
C GLN A 86 -3.82 -17.17 -5.33
N ALA A 87 -4.56 -17.40 -4.26
CA ALA A 87 -4.87 -18.75 -3.80
C ALA A 87 -3.59 -19.53 -3.50
N GLY A 88 -2.59 -18.83 -3.00
CA GLY A 88 -1.33 -19.48 -2.61
C GLY A 88 -0.42 -19.68 -3.81
N LYS A 89 -0.71 -18.96 -4.90
CA LYS A 89 0.05 -19.09 -6.13
C LYS A 89 0.77 -17.80 -6.47
N PRO A 90 2.09 -17.80 -6.26
CA PRO A 90 2.91 -16.63 -6.58
C PRO A 90 2.73 -16.20 -8.03
N VAL A 91 2.45 -14.91 -8.22
CA VAL A 91 2.31 -14.37 -9.56
C VAL A 91 3.40 -13.35 -9.86
N ALA A 92 4.24 -13.66 -10.86
CA ALA A 92 5.39 -12.82 -11.18
C ALA A 92 5.03 -11.77 -12.23
N ASP A 93 3.80 -11.84 -12.72
CA ASP A 93 3.32 -10.89 -13.72
C ASP A 93 3.43 -9.45 -13.21
N ALA A 94 4.24 -8.65 -13.90
CA ALA A 94 4.50 -7.29 -13.46
C ALA A 94 3.24 -6.43 -13.51
N ALA A 95 2.39 -6.70 -14.50
CA ALA A 95 1.13 -5.97 -14.65
C ALA A 95 0.22 -6.19 -13.45
N SER A 96 0.06 -7.46 -13.06
CA SER A 96 -0.70 -7.80 -11.86
C SER A 96 -0.12 -7.12 -10.62
N MET A 97 1.20 -7.16 -10.51
CA MET A 97 1.89 -6.60 -9.35
C MET A 97 1.66 -5.10 -9.26
N GLN A 98 1.74 -4.42 -10.40
CA GLN A 98 1.43 -2.99 -10.46
C GLN A 98 0.00 -2.72 -10.02
N ARG A 99 -0.93 -3.54 -10.49
CA ARG A 99 -2.35 -3.35 -10.20
C ARG A 99 -2.61 -3.48 -8.70
N TYR A 100 -1.91 -4.40 -8.05
CA TYR A 100 -2.06 -4.60 -6.61
C TYR A 100 -1.36 -3.50 -5.83
N SER A 101 -0.23 -3.02 -6.36
CA SER A 101 0.54 -1.97 -5.70
C SER A 101 -0.20 -0.64 -5.74
N THR A 102 -1.07 -0.48 -6.73
CA THR A 102 -1.88 0.72 -6.85
C THR A 102 -3.22 0.55 -6.16
N GLU A 103 -3.59 -0.70 -5.91
CA GLU A 103 -4.79 -1.00 -5.13
C GLU A 103 -4.66 -0.51 -3.70
N MET A 104 -3.45 -0.61 -3.16
CA MET A 104 -3.14 -0.05 -1.85
C MET A 104 -3.03 1.47 -1.92
N MET A 105 -2.42 1.97 -2.99
CA MET A 105 -2.30 3.41 -3.20
C MET A 105 -3.67 4.07 -3.24
N ASN A 106 -4.65 3.36 -3.79
CA ASN A 106 -6.02 3.87 -3.85
C ASN A 106 -6.60 4.05 -2.46
N VAL A 107 -6.30 3.12 -1.57
CA VAL A 107 -6.72 3.22 -0.18
C VAL A 107 -6.03 4.37 0.53
N ILE A 108 -4.75 4.58 0.21
CA ILE A 108 -4.00 5.70 0.75
C ILE A 108 -4.57 7.03 0.28
N SER A 109 -4.91 7.10 -1.00
CA SER A 109 -5.43 8.33 -1.59
C SER A 109 -6.82 8.65 -1.04
N ALA A 110 -7.53 7.62 -0.60
CA ALA A 110 -8.82 7.82 0.08
C ALA A 110 -8.63 8.57 1.39
N GLY A 111 -7.58 8.24 2.11
CA GLY A 111 -7.26 8.93 3.36
C GLY A 111 -6.69 10.31 3.09
N LEU A 112 -6.02 10.46 1.95
CA LEU A 112 -5.48 11.75 1.54
C LEU A 112 -6.60 12.74 1.24
N ASP A 113 -7.66 12.25 0.61
CA ASP A 113 -8.84 13.07 0.35
C ASP A 113 -9.49 13.54 1.64
N LYS A 114 -9.44 12.68 2.66
CA LYS A 114 -9.99 13.02 3.97
C LYS A 114 -9.13 14.07 4.68
N SER A 115 -7.82 14.01 4.43
CA SER A 115 -6.89 14.95 5.03
C SER A 115 -6.91 16.29 4.30
N GLY A 4 8.87 -0.87 -11.65
CA GLY A 4 7.64 -0.84 -12.44
C GLY A 4 6.49 -1.51 -11.70
N ASP A 5 6.83 -2.47 -10.85
CA ASP A 5 5.82 -3.24 -10.14
C ASP A 5 5.45 -2.57 -8.82
N THR A 6 5.97 -1.37 -8.61
CA THR A 6 5.63 -0.58 -7.43
C THR A 6 4.67 0.55 -7.77
N ALA A 7 4.16 1.23 -6.74
CA ALA A 7 3.18 2.29 -6.94
C ALA A 7 3.65 3.58 -6.29
N SER A 8 3.31 4.71 -6.92
CA SER A 8 3.71 6.01 -6.42
C SER A 8 2.53 6.96 -6.35
N LEU A 9 2.25 7.46 -5.14
CA LEU A 9 1.07 8.29 -4.91
C LEU A 9 1.47 9.72 -4.55
N LEU A 10 1.17 10.66 -5.44
CA LEU A 10 1.54 12.06 -5.23
C LEU A 10 0.45 12.78 -4.43
N VAL A 11 0.29 12.38 -3.17
CA VAL A 11 -0.65 13.04 -2.27
C VAL A 11 0.03 13.50 -1.00
N GLU A 12 0.01 14.81 -0.76
CA GLU A 12 0.62 15.38 0.43
C GLU A 12 -0.42 15.65 1.51
N ASN A 13 0.04 15.83 2.74
CA ASN A 13 -0.82 16.29 3.82
C ASN A 13 -0.08 17.24 4.76
N GLY A 14 0.60 18.23 4.17
CA GLY A 14 1.51 19.08 4.92
C GLY A 14 2.90 18.43 5.02
N ARG A 15 3.31 18.13 6.25
CA ARG A 15 4.60 17.47 6.48
C ARG A 15 4.47 15.97 6.34
N GLY A 16 5.59 15.30 6.13
CA GLY A 16 5.63 13.85 6.07
C GLY A 16 5.24 13.22 7.42
N ASN A 17 5.52 13.95 8.50
CA ASN A 17 5.16 13.51 9.84
C ASN A 17 3.67 13.73 10.09
N THR A 18 3.00 14.38 9.16
CA THR A 18 1.56 14.58 9.25
C THR A 18 0.82 13.85 8.13
N LEU A 19 1.57 13.41 7.12
CA LEU A 19 1.01 12.60 6.05
C LEU A 19 0.98 11.12 6.45
N TRP A 20 2.09 10.62 6.96
CA TRP A 20 2.24 9.20 7.24
C TRP A 20 1.17 8.72 8.21
N PRO A 21 0.95 9.49 9.27
CA PRO A 21 -0.06 9.14 10.26
C PRO A 21 -1.41 8.87 9.60
N GLN A 22 -1.71 9.62 8.55
CA GLN A 22 -2.97 9.46 7.84
C GLN A 22 -2.95 8.26 6.90
N VAL A 23 -1.80 8.00 6.31
CA VAL A 23 -1.58 6.78 5.56
C VAL A 23 -1.85 5.55 6.41
N VAL A 24 -1.43 5.61 7.67
CA VAL A 24 -1.75 4.56 8.64
C VAL A 24 -3.24 4.54 8.95
N SER A 25 -3.83 5.72 9.12
CA SER A 25 -5.22 5.83 9.53
C SER A 25 -6.16 5.26 8.49
N VAL A 26 -5.72 5.30 7.23
CA VAL A 26 -6.50 4.75 6.13
C VAL A 26 -6.48 3.22 6.15
N LEU A 27 -5.29 2.65 6.31
CA LEU A 27 -5.13 1.21 6.38
C LEU A 27 -5.94 0.62 7.53
N GLN A 28 -5.98 1.34 8.65
CA GLN A 28 -6.78 0.93 9.79
C GLN A 28 -8.27 1.13 9.52
N ALA A 29 -8.59 2.17 8.76
CA ALA A 29 -9.97 2.42 8.36
C ALA A 29 -10.52 1.28 7.52
N LYS A 30 -9.62 0.61 6.80
CA LYS A 30 -10.01 -0.55 5.99
C LYS A 30 -9.82 -1.85 6.77
N ASN A 31 -9.45 -1.73 8.04
CA ASN A 31 -9.29 -2.90 8.90
C ASN A 31 -8.30 -3.89 8.30
N TYR A 32 -7.18 -3.38 7.81
CA TYR A 32 -6.13 -4.24 7.29
C TYR A 32 -5.00 -4.39 8.30
N THR A 33 -4.40 -5.58 8.34
CA THR A 33 -3.50 -5.95 9.43
C THR A 33 -2.17 -5.21 9.30
N ILE A 34 -1.73 -4.60 10.41
CA ILE A 34 -0.42 -4.00 10.48
C ILE A 34 0.52 -4.83 11.35
N THR A 35 1.77 -4.95 10.92
CA THR A 35 2.74 -5.79 11.62
C THR A 35 3.79 -4.93 12.32
N GLN A 36 4.05 -3.75 11.78
CA GLN A 36 4.99 -2.81 12.39
C GLN A 36 4.74 -1.39 11.90
N ARG A 37 4.74 -0.44 12.84
CA ARG A 37 4.71 0.98 12.48
C ARG A 37 6.06 1.63 12.77
N ASP A 38 6.46 2.55 11.90
CA ASP A 38 7.67 3.33 12.12
C ASP A 38 7.42 4.81 11.86
N ASP A 39 7.06 5.54 12.91
CA ASP A 39 6.74 6.96 12.80
C ASP A 39 7.98 7.76 12.40
N ALA A 40 9.09 7.51 13.10
CA ALA A 40 10.32 8.27 12.87
C ALA A 40 10.84 8.06 11.45
N GLY A 41 10.71 6.84 10.94
CA GLY A 41 11.17 6.52 9.60
C GLY A 41 10.04 6.62 8.59
N GLN A 42 8.89 7.12 9.03
CA GLN A 42 7.74 7.29 8.16
C GLN A 42 7.52 6.06 7.30
N THR A 43 7.54 4.89 7.91
CA THR A 43 7.39 3.63 7.19
C THR A 43 6.35 2.74 7.85
N LEU A 44 5.45 2.19 7.04
CA LEU A 44 4.40 1.32 7.53
C LEU A 44 4.51 -0.08 6.93
N THR A 45 4.70 -1.08 7.79
CA THR A 45 4.82 -2.46 7.35
C THR A 45 3.57 -3.27 7.69
N THR A 46 2.94 -3.82 6.67
CA THR A 46 1.61 -4.43 6.83
C THR A 46 1.70 -5.95 6.75
N ASP A 47 0.56 -6.60 6.89
CA ASP A 47 0.48 -8.06 6.68
C ASP A 47 -0.36 -8.38 5.46
N TRP A 48 -0.62 -9.67 5.27
CA TRP A 48 -1.38 -10.13 4.10
C TRP A 48 -2.76 -9.47 4.06
N VAL A 49 -3.06 -8.85 2.93
CA VAL A 49 -4.40 -8.29 2.70
C VAL A 49 -5.16 -9.11 1.66
N GLN A 50 -6.32 -9.62 2.06
CA GLN A 50 -7.12 -10.48 1.18
C GLN A 50 -7.73 -9.69 0.03
N TRP A 51 -7.57 -10.19 -1.18
CA TRP A 51 -8.19 -9.60 -2.36
C TRP A 51 -9.16 -10.56 -3.02
N ASN A 52 -10.30 -10.05 -3.46
CA ASN A 52 -11.34 -10.88 -4.05
C ASN A 52 -12.02 -10.16 -5.21
N ARG A 53 -11.43 -10.27 -6.40
CA ARG A 53 -12.01 -9.69 -7.60
C ARG A 53 -13.21 -10.51 -8.08
N LEU A 54 -14.25 -9.83 -8.51
CA LEU A 54 -15.51 -10.48 -8.89
C LEU A 54 -15.33 -11.30 -10.17
N ASP A 55 -14.36 -10.91 -10.98
CA ASP A 55 -14.07 -11.63 -12.22
C ASP A 55 -13.21 -12.86 -11.95
N GLU A 56 -12.77 -13.00 -10.71
CA GLU A 56 -11.87 -14.09 -10.33
C GLU A 56 -12.58 -15.10 -9.45
N ASP A 57 -12.15 -16.36 -9.53
CA ASP A 57 -12.72 -17.42 -8.69
C ASP A 57 -11.79 -17.73 -7.52
N GLU A 58 -10.50 -17.53 -7.72
CA GLU A 58 -9.52 -17.82 -6.68
C GLU A 58 -9.26 -16.60 -5.79
N GLN A 59 -8.81 -16.85 -4.58
CA GLN A 59 -8.51 -15.77 -3.64
C GLN A 59 -7.06 -15.33 -3.76
N TYR A 60 -6.82 -14.03 -3.58
CA TYR A 60 -5.48 -13.48 -3.63
C TYR A 60 -5.10 -12.83 -2.30
N ARG A 61 -3.81 -12.65 -2.08
CA ARG A 61 -3.31 -11.90 -0.93
C ARG A 61 -1.91 -11.35 -1.19
N GLY A 62 -1.57 -10.28 -0.49
CA GLY A 62 -0.26 -9.66 -0.64
C GLY A 62 0.14 -8.90 0.62
N ARG A 63 1.44 -8.77 0.85
CA ARG A 63 1.94 -8.05 2.02
C ARG A 63 2.69 -6.79 1.60
N TYR A 64 2.38 -5.68 2.26
CA TYR A 64 2.70 -4.35 1.75
C TYR A 64 3.67 -3.62 2.67
N GLN A 65 4.45 -2.71 2.10
CA GLN A 65 5.22 -1.76 2.89
C GLN A 65 5.19 -0.37 2.26
N ILE A 66 4.76 0.63 3.04
CA ILE A 66 4.51 1.96 2.50
C ILE A 66 5.35 3.01 3.24
N SER A 67 6.14 3.76 2.48
CA SER A 67 7.02 4.76 3.05
C SER A 67 6.73 6.15 2.49
N VAL A 68 6.72 7.14 3.36
CA VAL A 68 6.48 8.52 2.95
C VAL A 68 7.78 9.28 2.76
N LYS A 69 7.92 9.92 1.60
CA LYS A 69 9.15 10.66 1.28
C LYS A 69 8.82 11.98 0.60
N PRO A 70 9.72 12.95 0.74
CA PRO A 70 9.54 14.25 0.14
C PRO A 70 9.78 14.20 -1.37
N GLN A 71 9.10 15.09 -2.10
CA GLN A 71 9.31 15.20 -3.54
C GLN A 71 8.87 16.57 -4.05
N GLY A 72 9.81 17.30 -4.63
CA GLY A 72 9.54 18.65 -5.12
C GLY A 72 9.22 19.60 -3.97
N TYR A 73 8.03 20.19 -4.02
CA TYR A 73 7.57 21.07 -2.94
C TYR A 73 6.42 20.43 -2.18
N GLN A 74 6.38 19.11 -2.17
CA GLN A 74 5.31 18.37 -1.51
C GLN A 74 5.80 17.04 -0.96
N GLN A 75 4.90 16.31 -0.31
CA GLN A 75 5.20 14.95 0.13
C GLN A 75 4.56 13.92 -0.79
N ALA A 76 5.13 12.72 -0.82
CA ALA A 76 4.62 11.64 -1.66
C ALA A 76 4.62 10.32 -0.91
N VAL A 77 3.73 9.41 -1.32
CA VAL A 77 3.61 8.11 -0.67
C VAL A 77 4.07 7.00 -1.60
N THR A 78 5.13 6.29 -1.19
CA THR A 78 5.67 5.20 -1.99
C THR A 78 5.16 3.85 -1.50
N VAL A 79 4.49 3.11 -2.38
CA VAL A 79 3.89 1.84 -2.01
C VAL A 79 4.62 0.68 -2.69
N LYS A 80 5.27 -0.15 -1.89
CA LYS A 80 6.01 -1.30 -2.40
C LYS A 80 5.47 -2.60 -1.83
N LEU A 81 5.76 -3.70 -2.51
CA LEU A 81 5.34 -5.02 -2.04
C LEU A 81 6.46 -5.73 -1.30
N LEU A 82 6.11 -6.42 -0.22
CA LEU A 82 7.04 -7.32 0.44
C LEU A 82 6.88 -8.75 -0.06
N ASN A 83 5.66 -9.09 -0.45
CA ASN A 83 5.39 -10.39 -1.07
C ASN A 83 3.99 -10.45 -1.65
N LEU A 84 3.74 -11.43 -2.51
CA LEU A 84 2.45 -11.57 -3.17
C LEU A 84 2.14 -13.02 -3.49
N GLU A 85 0.93 -13.46 -3.14
CA GLU A 85 0.53 -14.84 -3.37
C GLU A 85 -0.84 -14.91 -4.05
N GLN A 86 -1.05 -15.97 -4.83
CA GLN A 86 -2.34 -16.19 -5.48
C GLN A 86 -2.81 -17.62 -5.28
N ALA A 87 -3.88 -17.78 -4.48
CA ALA A 87 -4.31 -19.09 -4.04
C ALA A 87 -3.17 -19.85 -3.37
N GLY A 88 -2.30 -19.12 -2.69
CA GLY A 88 -1.19 -19.73 -1.96
C GLY A 88 0.02 -19.94 -2.85
N LYS A 89 -0.04 -19.38 -4.05
CA LYS A 89 1.05 -19.51 -5.01
C LYS A 89 1.85 -18.22 -5.14
N PRO A 90 3.12 -18.28 -4.79
CA PRO A 90 4.00 -17.12 -4.89
C PRO A 90 3.95 -16.51 -6.29
N VAL A 91 3.78 -15.20 -6.35
CA VAL A 91 3.67 -14.50 -7.62
C VAL A 91 4.93 -13.71 -7.93
N ALA A 92 5.65 -14.15 -8.96
CA ALA A 92 6.86 -13.46 -9.39
C ALA A 92 6.56 -12.51 -10.55
N ASP A 93 5.36 -12.61 -11.09
CA ASP A 93 4.96 -11.80 -12.24
C ASP A 93 4.91 -10.33 -11.87
N ALA A 94 5.74 -9.53 -12.54
CA ALA A 94 5.83 -8.10 -12.23
C ALA A 94 4.53 -7.39 -12.54
N ALA A 95 3.84 -7.84 -13.58
CA ALA A 95 2.57 -7.23 -13.97
C ALA A 95 1.51 -7.44 -12.90
N SER A 96 1.37 -8.67 -12.43
CA SER A 96 0.46 -8.99 -11.34
C SER A 96 0.79 -8.18 -10.09
N MET A 97 2.08 -8.07 -9.79
CA MET A 97 2.53 -7.30 -8.63
C MET A 97 2.19 -5.83 -8.79
N GLN A 98 2.40 -5.29 -9.99
CA GLN A 98 2.03 -3.92 -10.29
C GLN A 98 0.55 -3.67 -9.98
N ARG A 99 -0.30 -4.59 -10.43
CA ARG A 99 -1.73 -4.46 -10.24
C ARG A 99 -2.07 -4.18 -8.78
N TYR A 100 -1.70 -5.10 -7.91
CA TYR A 100 -2.15 -5.08 -6.51
C TYR A 100 -1.43 -4.01 -5.72
N SER A 101 -0.22 -3.66 -6.15
CA SER A 101 0.53 -2.59 -5.53
C SER A 101 -0.09 -1.22 -5.82
N THR A 102 -0.82 -1.14 -6.93
CA THR A 102 -1.53 0.08 -7.29
C THR A 102 -2.98 0.03 -6.80
N GLU A 103 -3.46 -1.17 -6.50
CA GLU A 103 -4.75 -1.35 -5.85
C GLU A 103 -4.71 -0.79 -4.43
N MET A 104 -3.63 -1.05 -3.72
CA MET A 104 -3.43 -0.49 -2.38
C MET A 104 -3.16 1.00 -2.45
N MET A 105 -2.45 1.43 -3.49
CA MET A 105 -2.26 2.85 -3.77
C MET A 105 -3.60 3.57 -3.88
N ASN A 106 -4.55 2.95 -4.56
CA ASN A 106 -5.89 3.51 -4.70
C ASN A 106 -6.60 3.59 -3.36
N VAL A 107 -6.37 2.59 -2.52
CA VAL A 107 -6.91 2.58 -1.17
C VAL A 107 -6.40 3.77 -0.37
N ILE A 108 -5.09 3.97 -0.37
CA ILE A 108 -4.48 5.07 0.36
C ILE A 108 -4.87 6.42 -0.24
N SER A 109 -5.00 6.45 -1.57
CA SER A 109 -5.35 7.67 -2.28
C SER A 109 -6.74 8.16 -1.88
N ALA A 110 -7.72 7.27 -1.96
CA ALA A 110 -9.09 7.60 -1.62
C ALA A 110 -9.23 7.94 -0.14
N GLY A 111 -8.49 7.21 0.69
CA GLY A 111 -8.52 7.42 2.14
C GLY A 111 -7.98 8.80 2.51
N LEU A 112 -6.90 9.20 1.84
CA LEU A 112 -6.29 10.50 2.09
C LEU A 112 -7.16 11.63 1.54
N ASP A 113 -7.85 11.36 0.44
CA ASP A 113 -8.78 12.33 -0.13
C ASP A 113 -9.99 12.53 0.77
N LYS A 114 -10.43 11.44 1.41
CA LYS A 114 -11.53 11.51 2.36
C LYS A 114 -11.13 12.24 3.63
N SER A 115 -10.01 11.84 4.20
CA SER A 115 -9.52 12.43 5.44
C SER A 115 -9.15 13.90 5.24
N GLY A 4 9.07 -2.09 -11.46
CA GLY A 4 7.90 -2.93 -11.67
C GLY A 4 7.23 -3.28 -10.35
N ASP A 5 8.04 -3.67 -9.38
CA ASP A 5 7.53 -4.05 -8.06
C ASP A 5 7.38 -2.83 -7.15
N THR A 6 7.68 -1.66 -7.70
CA THR A 6 7.65 -0.42 -6.92
C THR A 6 6.93 0.70 -7.68
N ALA A 7 6.10 1.44 -6.97
CA ALA A 7 5.36 2.54 -7.56
C ALA A 7 5.11 3.65 -6.56
N SER A 8 4.95 4.88 -7.04
CA SER A 8 4.84 6.04 -6.18
C SER A 8 3.60 6.87 -6.53
N LEU A 9 3.00 7.47 -5.51
CA LEU A 9 1.87 8.38 -5.71
C LEU A 9 2.14 9.74 -5.12
N LEU A 10 1.64 10.79 -5.77
CA LEU A 10 1.84 12.15 -5.31
C LEU A 10 0.81 12.54 -4.26
N VAL A 11 1.27 13.15 -3.18
CA VAL A 11 0.39 13.57 -2.10
C VAL A 11 0.63 15.03 -1.73
N GLU A 12 -0.45 15.80 -1.63
CA GLU A 12 -0.36 17.19 -1.24
C GLU A 12 0.59 17.38 -0.06
N ASN A 13 1.48 18.36 -0.19
CA ASN A 13 2.48 18.61 0.84
C ASN A 13 1.83 18.72 2.22
N GLY A 14 0.73 19.46 2.29
CA GLY A 14 0.03 19.69 3.55
C GLY A 14 -0.53 18.40 4.11
N ARG A 15 -0.84 17.46 3.22
CA ARG A 15 -1.38 16.17 3.63
C ARG A 15 -0.28 15.23 4.13
N GLY A 16 0.87 15.27 3.47
CA GLY A 16 1.95 14.35 3.77
C GLY A 16 2.51 14.59 5.18
N ASN A 17 2.23 15.76 5.72
CA ASN A 17 2.64 16.10 7.08
C ASN A 17 1.88 15.27 8.10
N THR A 18 0.61 14.99 7.81
CA THR A 18 -0.23 14.20 8.71
C THR A 18 -0.78 12.97 8.01
N LEU A 19 -0.15 12.60 6.88
CA LEU A 19 -0.62 11.48 6.09
C LEU A 19 -0.51 10.17 6.85
N TRP A 20 0.71 9.83 7.25
CA TRP A 20 1.01 8.47 7.69
C TRP A 20 0.15 8.08 8.89
N PRO A 21 0.06 8.98 9.86
CA PRO A 21 -0.76 8.75 11.04
C PRO A 21 -2.18 8.34 10.67
N GLN A 22 -2.71 8.96 9.63
CA GLN A 22 -4.09 8.72 9.21
C GLN A 22 -4.20 7.43 8.42
N VAL A 23 -3.26 7.21 7.51
CA VAL A 23 -3.27 6.02 6.67
C VAL A 23 -3.28 4.74 7.51
N VAL A 24 -2.49 4.74 8.57
CA VAL A 24 -2.48 3.63 9.51
C VAL A 24 -3.85 3.44 10.16
N SER A 25 -4.45 4.54 10.58
CA SER A 25 -5.73 4.49 11.28
C SER A 25 -6.86 4.09 10.35
N VAL A 26 -6.65 4.28 9.05
CA VAL A 26 -7.59 3.83 8.03
C VAL A 26 -7.55 2.32 7.89
N LEU A 27 -6.34 1.77 7.84
CA LEU A 27 -6.17 0.32 7.77
C LEU A 27 -6.66 -0.36 9.05
N GLN A 28 -6.47 0.31 10.17
CA GLN A 28 -7.00 -0.16 11.44
C GLN A 28 -8.53 -0.10 11.48
N ALA A 29 -9.07 0.95 10.85
CA ALA A 29 -10.51 1.08 10.72
C ALA A 29 -11.09 -0.02 9.85
N LYS A 30 -10.29 -0.52 8.93
CA LYS A 30 -10.70 -1.61 8.05
C LYS A 30 -10.27 -2.97 8.61
N ASN A 31 -9.71 -2.94 9.83
CA ASN A 31 -9.37 -4.16 10.53
C ASN A 31 -8.35 -4.99 9.76
N TYR A 32 -7.32 -4.32 9.25
CA TYR A 32 -6.20 -5.00 8.63
C TYR A 32 -5.07 -5.23 9.63
N THR A 33 -4.31 -6.30 9.43
CA THR A 33 -3.20 -6.63 10.31
C THR A 33 -1.92 -5.91 9.89
N ILE A 34 -1.29 -5.24 10.84
CA ILE A 34 -0.04 -4.52 10.57
C ILE A 34 1.14 -5.17 11.26
N THR A 35 2.26 -5.25 10.55
CA THR A 35 3.42 -6.01 11.02
C THR A 35 4.39 -5.12 11.77
N GLN A 36 4.63 -3.92 11.23
CA GLN A 36 5.59 -3.00 11.82
C GLN A 36 5.24 -1.55 11.47
N ARG A 37 5.35 -0.67 12.46
CA ARG A 37 5.07 0.75 12.25
C ARG A 37 6.32 1.59 12.52
N ASP A 38 6.51 2.62 11.71
CA ASP A 38 7.56 3.60 11.95
C ASP A 38 7.04 5.02 11.78
N ASP A 39 6.62 5.63 12.89
CA ASP A 39 6.06 6.97 12.85
C ASP A 39 7.11 8.00 12.43
N ALA A 40 8.31 7.87 13.01
CA ALA A 40 9.37 8.84 12.77
C ALA A 40 9.74 8.91 11.29
N GLY A 41 9.83 7.75 10.65
CA GLY A 41 10.22 7.67 9.26
C GLY A 41 9.01 7.49 8.35
N GLN A 42 7.82 7.67 8.92
CA GLN A 42 6.59 7.55 8.16
C GLN A 42 6.60 6.31 7.27
N THR A 43 6.93 5.18 7.85
CA THR A 43 7.06 3.93 7.11
C THR A 43 6.21 2.83 7.71
N LEU A 44 5.46 2.12 6.86
CA LEU A 44 4.51 1.12 7.33
C LEU A 44 4.75 -0.22 6.64
N THR A 45 4.86 -1.27 7.45
CA THR A 45 4.89 -2.64 6.92
C THR A 45 3.63 -3.40 7.31
N THR A 46 2.83 -3.74 6.31
CA THR A 46 1.53 -4.37 6.55
C THR A 46 1.61 -5.88 6.40
N ASP A 47 0.64 -6.58 6.98
CA ASP A 47 0.47 -8.01 6.72
C ASP A 47 -0.45 -8.23 5.52
N TRP A 48 -0.65 -9.50 5.17
CA TRP A 48 -1.52 -9.86 4.06
C TRP A 48 -2.80 -9.03 4.07
N VAL A 49 -2.97 -8.20 3.04
CA VAL A 49 -4.14 -7.34 2.96
C VAL A 49 -5.23 -7.98 2.10
N GLN A 50 -6.40 -8.18 2.69
CA GLN A 50 -7.54 -8.73 1.97
C GLN A 50 -7.95 -7.83 0.81
N TRP A 51 -7.72 -8.30 -0.41
CA TRP A 51 -8.13 -7.57 -1.60
C TRP A 51 -9.32 -8.22 -2.28
N ASN A 52 -10.41 -7.49 -2.39
CA ASN A 52 -11.63 -8.01 -3.02
C ASN A 52 -12.03 -7.15 -4.21
N ARG A 53 -12.85 -7.72 -5.09
CA ARG A 53 -13.40 -6.99 -6.22
C ARG A 53 -14.64 -7.67 -6.78
N LEU A 54 -15.68 -6.88 -7.01
CA LEU A 54 -16.96 -7.41 -7.46
C LEU A 54 -16.88 -7.87 -8.91
N ASP A 55 -15.83 -7.45 -9.60
CA ASP A 55 -15.63 -7.83 -10.99
C ASP A 55 -14.88 -9.15 -11.11
N GLU A 56 -14.37 -9.63 -9.99
CA GLU A 56 -13.53 -10.82 -9.98
C GLU A 56 -14.10 -11.90 -9.06
N ASP A 57 -13.76 -13.15 -9.34
CA ASP A 57 -14.17 -14.26 -8.48
C ASP A 57 -13.08 -14.63 -7.49
N GLU A 58 -11.84 -14.37 -7.86
CA GLU A 58 -10.69 -14.72 -7.01
C GLU A 58 -10.38 -13.61 -6.02
N GLN A 59 -10.09 -14.01 -4.79
CA GLN A 59 -9.67 -13.06 -3.76
C GLN A 59 -8.16 -13.06 -3.58
N TYR A 60 -7.58 -11.87 -3.48
CA TYR A 60 -6.13 -11.73 -3.48
C TYR A 60 -5.62 -11.18 -2.15
N ARG A 61 -4.35 -11.45 -1.86
CA ARG A 61 -3.69 -10.84 -0.71
C ARG A 61 -2.26 -10.44 -1.05
N GLY A 62 -1.74 -9.45 -0.34
CA GLY A 62 -0.38 -8.97 -0.56
C GLY A 62 0.13 -8.20 0.65
N ARG A 63 1.46 -8.02 0.71
CA ARG A 63 2.08 -7.26 1.78
C ARG A 63 2.67 -5.96 1.26
N TYR A 64 2.41 -4.87 1.97
CA TYR A 64 2.71 -3.53 1.46
C TYR A 64 3.84 -2.89 2.26
N GLN A 65 4.86 -2.42 1.55
CA GLN A 65 5.92 -1.62 2.16
C GLN A 65 5.77 -0.14 1.79
N ILE A 66 5.15 0.63 2.68
CA ILE A 66 4.73 1.99 2.35
C ILE A 66 5.57 3.03 3.08
N SER A 67 6.34 3.78 2.31
CA SER A 67 7.19 4.83 2.88
C SER A 67 6.83 6.19 2.32
N VAL A 68 6.62 7.16 3.21
CA VAL A 68 6.32 8.52 2.81
C VAL A 68 7.59 9.36 2.73
N LYS A 69 7.87 9.90 1.55
CA LYS A 69 9.09 10.65 1.31
C LYS A 69 8.80 12.00 0.68
N PRO A 70 9.70 12.96 0.89
CA PRO A 70 9.55 14.28 0.30
C PRO A 70 9.75 14.25 -1.21
N GLN A 71 9.03 15.10 -1.91
CA GLN A 71 9.15 15.20 -3.36
C GLN A 71 9.16 16.66 -3.81
N GLY A 72 10.31 17.31 -3.69
CA GLY A 72 10.44 18.71 -4.03
C GLY A 72 9.63 19.58 -3.08
N TYR A 73 8.69 20.35 -3.63
CA TYR A 73 7.84 21.21 -2.83
C TYR A 73 6.60 20.46 -2.34
N GLN A 74 6.47 19.21 -2.77
CA GLN A 74 5.35 18.37 -2.35
C GLN A 74 5.82 17.13 -1.60
N GLN A 75 4.89 16.30 -1.16
CA GLN A 75 5.21 14.99 -0.61
C GLN A 75 4.77 13.87 -1.55
N ALA A 76 5.34 12.68 -1.35
CA ALA A 76 4.99 11.53 -2.18
C ALA A 76 5.08 10.24 -1.37
N VAL A 77 4.37 9.22 -1.81
CA VAL A 77 4.40 7.91 -1.16
C VAL A 77 4.96 6.85 -2.09
N THR A 78 6.01 6.17 -1.64
CA THR A 78 6.62 5.10 -2.41
C THR A 78 6.30 3.74 -1.80
N VAL A 79 5.71 2.86 -2.61
CA VAL A 79 5.23 1.58 -2.11
C VAL A 79 5.87 0.41 -2.84
N LYS A 80 6.43 -0.52 -2.09
CA LYS A 80 6.97 -1.75 -2.66
C LYS A 80 6.11 -2.95 -2.30
N LEU A 81 5.99 -3.90 -3.22
CA LEU A 81 5.29 -5.15 -2.98
C LEU A 81 6.20 -6.17 -2.32
N LEU A 82 5.90 -6.53 -1.08
CA LEU A 82 6.73 -7.45 -0.32
C LEU A 82 6.43 -8.91 -0.69
N ASN A 83 5.17 -9.30 -0.57
CA ASN A 83 4.75 -10.63 -0.95
C ASN A 83 3.37 -10.62 -1.61
N LEU A 84 3.09 -11.65 -2.40
CA LEU A 84 1.82 -11.73 -3.12
C LEU A 84 1.26 -13.14 -3.08
N GLU A 85 -0.03 -13.25 -2.80
CA GLU A 85 -0.70 -14.54 -2.75
C GLU A 85 -2.13 -14.45 -3.27
N GLN A 86 -2.41 -15.21 -4.32
CA GLN A 86 -3.69 -15.10 -5.03
C GLN A 86 -4.49 -16.40 -4.91
N ALA A 87 -5.73 -16.27 -4.44
CA ALA A 87 -6.59 -17.43 -4.27
C ALA A 87 -5.92 -18.51 -3.45
N GLY A 88 -5.16 -18.10 -2.44
CA GLY A 88 -4.49 -19.03 -1.54
C GLY A 88 -3.26 -19.64 -2.20
N LYS A 89 -2.85 -19.08 -3.33
CA LYS A 89 -1.70 -19.57 -4.06
C LYS A 89 -0.57 -18.54 -4.09
N PRO A 90 0.46 -18.79 -3.29
CA PRO A 90 1.61 -17.89 -3.24
C PRO A 90 2.19 -17.65 -4.63
N VAL A 91 2.48 -16.39 -4.93
CA VAL A 91 2.95 -16.01 -6.26
C VAL A 91 4.45 -15.76 -6.26
N ALA A 92 5.21 -16.73 -6.75
CA ALA A 92 6.66 -16.59 -6.86
C ALA A 92 7.05 -15.90 -8.16
N ASP A 93 6.10 -15.83 -9.09
CA ASP A 93 6.36 -15.20 -10.38
C ASP A 93 6.56 -13.70 -10.23
N ALA A 94 7.76 -13.23 -10.54
CA ALA A 94 8.11 -11.82 -10.35
C ALA A 94 7.28 -10.92 -11.26
N ALA A 95 7.07 -11.37 -12.49
CA ALA A 95 6.32 -10.58 -13.47
C ALA A 95 4.87 -10.39 -13.04
N SER A 96 4.29 -11.46 -12.50
CA SER A 96 2.93 -11.39 -11.96
C SER A 96 2.85 -10.44 -10.78
N MET A 97 3.89 -10.45 -9.96
CA MET A 97 3.97 -9.54 -8.82
C MET A 97 4.06 -8.09 -9.28
N GLN A 98 4.81 -7.87 -10.36
CA GLN A 98 4.93 -6.53 -10.94
C GLN A 98 3.59 -6.01 -11.42
N ARG A 99 2.80 -6.90 -12.03
CA ARG A 99 1.44 -6.57 -12.42
C ARG A 99 0.63 -6.06 -11.24
N TYR A 100 0.59 -6.86 -10.17
CA TYR A 100 -0.15 -6.49 -8.96
C TYR A 100 0.37 -5.20 -8.36
N SER A 101 1.70 -5.03 -8.38
CA SER A 101 2.33 -3.89 -7.75
C SER A 101 1.75 -2.58 -8.25
N THR A 102 1.44 -2.54 -9.54
CA THR A 102 0.94 -1.32 -10.17
C THR A 102 -0.58 -1.26 -10.14
N GLU A 103 -1.21 -2.43 -10.19
CA GLU A 103 -2.67 -2.52 -10.13
C GLU A 103 -3.19 -2.15 -8.75
N MET A 104 -2.38 -2.43 -7.72
CA MET A 104 -2.80 -2.24 -6.34
C MET A 104 -2.71 -0.76 -5.94
N MET A 105 -2.13 0.05 -6.82
CA MET A 105 -1.90 1.45 -6.51
C MET A 105 -3.19 2.25 -6.51
N ASN A 106 -4.22 1.69 -7.15
CA ASN A 106 -5.55 2.29 -7.14
C ASN A 106 -6.18 2.20 -5.76
N VAL A 107 -6.04 1.04 -5.12
CA VAL A 107 -6.50 0.86 -3.75
C VAL A 107 -5.66 1.69 -2.78
N ILE A 108 -4.36 1.72 -3.01
CA ILE A 108 -3.46 2.53 -2.20
C ILE A 108 -3.83 4.01 -2.29
N SER A 109 -4.13 4.47 -3.50
CA SER A 109 -4.56 5.85 -3.72
C SER A 109 -5.81 6.16 -2.92
N ALA A 110 -6.79 5.26 -2.99
CA ALA A 110 -8.02 5.40 -2.22
C ALA A 110 -7.72 5.57 -0.72
N GLY A 111 -6.73 4.82 -0.24
CA GLY A 111 -6.28 4.95 1.14
C GLY A 111 -5.64 6.32 1.38
N LEU A 112 -4.94 6.83 0.38
CA LEU A 112 -4.27 8.12 0.49
C LEU A 112 -5.26 9.26 0.27
N ASP A 113 -6.42 8.93 -0.30
CA ASP A 113 -7.47 9.93 -0.54
C ASP A 113 -8.47 9.96 0.61
N LYS A 114 -8.65 8.81 1.26
CA LYS A 114 -9.54 8.72 2.41
C LYS A 114 -8.82 9.10 3.70
N SER A 115 -7.50 8.93 3.70
CA SER A 115 -6.68 9.37 4.82
C SER A 115 -7.23 10.65 5.44
N GLY A 4 9.21 -0.94 -11.35
CA GLY A 4 8.00 -1.25 -12.11
C GLY A 4 7.06 -2.15 -11.32
N ASP A 5 7.64 -2.97 -10.44
CA ASP A 5 6.86 -3.90 -9.64
C ASP A 5 6.18 -3.19 -8.47
N THR A 6 6.56 -1.94 -8.25
CA THR A 6 6.00 -1.15 -7.15
C THR A 6 5.17 0.01 -7.69
N ALA A 7 4.55 0.76 -6.78
CA ALA A 7 3.68 1.87 -7.16
C ALA A 7 3.92 3.08 -6.27
N SER A 8 3.46 4.25 -6.73
CA SER A 8 3.63 5.48 -5.98
C SER A 8 2.43 6.41 -6.16
N LEU A 9 2.25 7.33 -5.23
CA LEU A 9 1.14 8.27 -5.28
C LEU A 9 1.56 9.66 -4.80
N LEU A 10 0.87 10.68 -5.29
CA LEU A 10 1.19 12.06 -4.95
C LEU A 10 0.04 12.72 -4.20
N VAL A 11 0.03 12.55 -2.87
CA VAL A 11 -0.97 13.19 -2.03
C VAL A 11 -0.33 13.93 -0.86
N GLU A 12 -0.57 15.22 -0.78
CA GLU A 12 -0.03 16.04 0.31
C GLU A 12 -1.08 16.30 1.38
N ASN A 13 -0.86 15.76 2.56
CA ASN A 13 -1.71 16.05 3.71
C ASN A 13 -0.91 16.68 4.84
N GLY A 14 -0.21 17.77 4.53
CA GLY A 14 0.66 18.42 5.50
C GLY A 14 2.11 17.96 5.34
N ARG A 15 2.82 17.82 6.45
CA ARG A 15 4.18 17.30 6.45
C ARG A 15 4.17 15.77 6.39
N GLY A 16 5.34 15.20 6.10
CA GLY A 16 5.50 13.75 6.12
C GLY A 16 5.13 13.17 7.48
N ASN A 17 5.43 13.92 8.54
CA ASN A 17 5.12 13.49 9.90
C ASN A 17 3.61 13.51 10.14
N THR A 18 2.90 14.32 9.37
CA THR A 18 1.44 14.39 9.47
C THR A 18 0.78 13.45 8.47
N LEU A 19 1.52 13.08 7.43
CA LEU A 19 1.01 12.16 6.42
C LEU A 19 1.07 10.72 6.90
N TRP A 20 2.10 10.40 7.68
CA TRP A 20 2.31 9.03 8.15
C TRP A 20 1.10 8.52 8.91
N PRO A 21 0.64 9.29 9.88
CA PRO A 21 -0.50 8.89 10.71
C PRO A 21 -1.79 8.90 9.91
N GLN A 22 -1.82 9.70 8.85
CA GLN A 22 -2.95 9.72 7.93
C GLN A 22 -3.04 8.42 7.13
N VAL A 23 -1.87 7.90 6.73
CA VAL A 23 -1.80 6.61 6.08
C VAL A 23 -2.27 5.50 7.01
N VAL A 24 -1.89 5.59 8.28
CA VAL A 24 -2.36 4.66 9.29
C VAL A 24 -3.89 4.65 9.37
N SER A 25 -4.48 5.83 9.38
CA SER A 25 -5.92 5.96 9.51
C SER A 25 -6.63 5.41 8.28
N VAL A 26 -5.93 5.41 7.14
CA VAL A 26 -6.45 4.80 5.93
C VAL A 26 -6.45 3.28 6.02
N LEU A 27 -5.34 2.72 6.47
CA LEU A 27 -5.20 1.28 6.62
C LEU A 27 -6.19 0.74 7.65
N GLN A 28 -6.41 1.51 8.71
CA GLN A 28 -7.37 1.14 9.74
C GLN A 28 -8.80 1.27 9.22
N ALA A 29 -9.03 2.27 8.37
CA ALA A 29 -10.33 2.49 7.76
C ALA A 29 -10.73 1.32 6.87
N LYS A 30 -9.72 0.66 6.30
CA LYS A 30 -9.95 -0.48 5.41
C LYS A 30 -9.86 -1.80 6.18
N ASN A 31 -9.69 -1.70 7.50
CA ASN A 31 -9.65 -2.88 8.35
C ASN A 31 -8.46 -3.76 8.02
N TYR A 32 -7.34 -3.13 7.66
CA TYR A 32 -6.10 -3.85 7.37
C TYR A 32 -5.23 -3.96 8.61
N THR A 33 -4.40 -5.00 8.64
CA THR A 33 -3.51 -5.23 9.78
C THR A 33 -2.09 -4.76 9.48
N ILE A 34 -1.56 -3.92 10.35
CA ILE A 34 -0.19 -3.42 10.22
C ILE A 34 0.77 -4.18 11.12
N THR A 35 1.80 -4.76 10.53
CA THR A 35 2.75 -5.58 11.27
C THR A 35 3.72 -4.72 12.07
N GLN A 36 4.32 -3.74 11.41
CA GLN A 36 5.28 -2.85 12.05
C GLN A 36 4.96 -1.39 11.78
N ARG A 37 5.30 -0.53 12.74
CA ARG A 37 5.03 0.90 12.62
C ARG A 37 6.25 1.73 13.00
N ASP A 38 6.76 2.50 12.05
CA ASP A 38 7.93 3.34 12.29
C ASP A 38 7.61 4.80 12.03
N ASP A 39 7.30 5.53 13.10
CA ASP A 39 6.95 6.94 13.00
C ASP A 39 8.13 7.77 12.51
N ALA A 40 9.28 7.57 13.16
CA ALA A 40 10.47 8.36 12.85
C ALA A 40 10.93 8.14 11.42
N GLY A 41 10.83 6.89 10.96
CA GLY A 41 11.23 6.55 9.59
C GLY A 41 10.07 6.70 8.62
N GLN A 42 8.94 7.18 9.14
CA GLN A 42 7.76 7.40 8.30
C GLN A 42 7.48 6.20 7.41
N THR A 43 7.51 5.02 8.00
CA THR A 43 7.34 3.77 7.25
C THR A 43 6.39 2.82 7.95
N LEU A 44 5.43 2.29 7.20
CA LEU A 44 4.55 1.23 7.71
C LEU A 44 4.81 -0.08 6.99
N THR A 45 4.67 -1.18 7.72
CA THR A 45 4.79 -2.51 7.14
C THR A 45 3.54 -3.35 7.42
N THR A 46 2.79 -3.66 6.37
CA THR A 46 1.49 -4.30 6.53
C THR A 46 1.61 -5.81 6.48
N ASP A 47 0.61 -6.50 7.03
CA ASP A 47 0.50 -7.95 6.89
C ASP A 47 -0.43 -8.33 5.75
N TRP A 48 -0.59 -9.63 5.54
CA TRP A 48 -1.39 -10.13 4.42
C TRP A 48 -2.80 -9.52 4.45
N VAL A 49 -3.17 -8.88 3.36
CA VAL A 49 -4.54 -8.41 3.17
C VAL A 49 -5.12 -8.91 1.85
N GLN A 50 -6.43 -9.13 1.83
CA GLN A 50 -7.09 -9.80 0.71
C GLN A 50 -7.28 -8.85 -0.47
N TRP A 51 -6.89 -9.30 -1.66
CA TRP A 51 -7.30 -8.64 -2.89
C TRP A 51 -8.31 -9.48 -3.65
N ASN A 52 -9.57 -9.04 -3.63
CA ASN A 52 -10.65 -9.79 -4.25
C ASN A 52 -11.27 -9.03 -5.42
N ARG A 53 -10.73 -9.26 -6.61
CA ARG A 53 -11.26 -8.64 -7.82
C ARG A 53 -12.18 -9.59 -8.57
N LEU A 54 -13.40 -9.14 -8.85
CA LEU A 54 -14.42 -10.00 -9.45
C LEU A 54 -14.11 -10.27 -10.92
N ASP A 55 -13.20 -9.48 -11.49
CA ASP A 55 -12.81 -9.67 -12.88
C ASP A 55 -11.91 -10.89 -13.04
N GLU A 56 -11.44 -11.43 -11.91
CA GLU A 56 -10.59 -12.60 -11.93
C GLU A 56 -11.29 -13.79 -11.29
N ASP A 57 -10.84 -14.99 -11.64
CA ASP A 57 -11.43 -16.22 -11.11
C ASP A 57 -10.77 -16.64 -9.81
N GLU A 58 -9.48 -16.33 -9.68
CA GLU A 58 -8.73 -16.66 -8.47
C GLU A 58 -8.38 -15.40 -7.69
N GLN A 59 -8.39 -15.51 -6.36
CA GLN A 59 -8.16 -14.36 -5.50
C GLN A 59 -6.67 -14.20 -5.18
N TYR A 60 -6.29 -13.03 -4.69
CA TYR A 60 -4.90 -12.73 -4.41
C TYR A 60 -4.70 -12.35 -2.95
N ARG A 61 -3.52 -12.68 -2.42
CA ARG A 61 -3.16 -12.30 -1.05
C ARG A 61 -1.70 -11.89 -0.96
N GLY A 62 -1.37 -11.16 0.10
CA GLY A 62 0.01 -10.71 0.33
C GLY A 62 0.04 -9.36 1.02
N ARG A 63 1.21 -8.75 1.07
CA ARG A 63 1.44 -7.59 1.92
C ARG A 63 2.46 -6.64 1.31
N TYR A 64 2.59 -5.45 1.88
CA TYR A 64 3.31 -4.36 1.24
C TYR A 64 3.80 -3.35 2.27
N GLN A 65 4.73 -2.50 1.85
CA GLN A 65 5.33 -1.52 2.75
C GLN A 65 5.14 -0.10 2.23
N ILE A 66 4.82 0.82 3.13
CA ILE A 66 4.54 2.19 2.76
C ILE A 66 5.55 3.15 3.37
N SER A 67 6.28 3.86 2.52
CA SER A 67 7.23 4.87 2.97
C SER A 67 6.88 6.24 2.44
N VAL A 68 6.89 7.24 3.33
CA VAL A 68 6.58 8.61 2.94
C VAL A 68 7.84 9.36 2.54
N LYS A 69 7.76 10.10 1.43
CA LYS A 69 8.89 10.84 0.92
C LYS A 69 8.50 12.26 0.51
N PRO A 70 9.24 13.24 0.99
CA PRO A 70 9.00 14.64 0.63
C PRO A 70 9.43 14.92 -0.80
N GLN A 71 8.75 15.85 -1.46
CA GLN A 71 9.11 16.26 -2.80
C GLN A 71 8.80 17.73 -3.04
N GLY A 72 9.83 18.57 -2.95
CA GLY A 72 9.66 20.02 -3.10
C GLY A 72 8.82 20.59 -1.98
N TYR A 73 7.66 21.14 -2.34
CA TYR A 73 6.73 21.67 -1.35
C TYR A 73 5.54 20.74 -1.16
N GLN A 74 5.64 19.54 -1.71
CA GLN A 74 4.57 18.55 -1.62
C GLN A 74 5.08 17.24 -1.01
N GLN A 75 4.15 16.38 -0.61
CA GLN A 75 4.51 15.07 -0.08
C GLN A 75 4.11 13.96 -1.05
N ALA A 76 4.84 12.85 -0.99
CA ALA A 76 4.52 11.69 -1.82
C ALA A 76 4.61 10.40 -1.00
N VAL A 77 3.93 9.36 -1.47
CA VAL A 77 3.94 8.08 -0.79
C VAL A 77 4.33 6.95 -1.74
N THR A 78 5.26 6.11 -1.31
CA THR A 78 5.71 4.98 -2.11
C THR A 78 5.24 3.66 -1.53
N VAL A 79 4.62 2.84 -2.37
CA VAL A 79 4.09 1.55 -1.93
C VAL A 79 4.80 0.40 -2.62
N LYS A 80 5.55 -0.38 -1.84
CA LYS A 80 6.34 -1.47 -2.38
C LYS A 80 5.77 -2.83 -1.98
N LEU A 81 5.88 -3.79 -2.88
CA LEU A 81 5.36 -5.14 -2.63
C LEU A 81 6.33 -5.96 -1.79
N LEU A 82 5.82 -6.63 -0.77
CA LEU A 82 6.63 -7.49 0.07
C LEU A 82 6.47 -8.95 -0.31
N ASN A 83 5.24 -9.36 -0.58
CA ASN A 83 4.95 -10.72 -1.03
C ASN A 83 3.56 -10.83 -1.63
N LEU A 84 3.38 -11.78 -2.54
CA LEU A 84 2.12 -11.92 -3.25
C LEU A 84 1.88 -13.38 -3.65
N GLU A 85 0.67 -13.87 -3.37
CA GLU A 85 0.28 -15.21 -3.78
C GLU A 85 -1.05 -15.20 -4.51
N GLN A 86 -1.15 -15.99 -5.58
CA GLN A 86 -2.42 -16.19 -6.27
C GLN A 86 -3.03 -17.54 -5.92
N ALA A 87 -4.21 -17.51 -5.29
CA ALA A 87 -4.84 -18.72 -4.81
C ALA A 87 -3.89 -19.55 -3.96
N GLY A 88 -3.05 -18.88 -3.19
CA GLY A 88 -2.19 -19.55 -2.22
C GLY A 88 -0.84 -19.90 -2.83
N LYS A 89 -0.71 -19.64 -4.13
CA LYS A 89 0.52 -19.96 -4.85
C LYS A 89 1.36 -18.71 -5.08
N PRO A 90 2.66 -18.81 -4.81
CA PRO A 90 3.58 -17.69 -4.98
C PRO A 90 3.49 -17.12 -6.39
N VAL A 91 3.44 -15.80 -6.48
CA VAL A 91 3.36 -15.13 -7.77
C VAL A 91 4.74 -14.68 -8.23
N ALA A 92 5.26 -15.31 -9.27
CA ALA A 92 6.50 -14.88 -9.90
C ALA A 92 6.23 -13.86 -11.00
N ASP A 93 4.98 -13.76 -11.42
CA ASP A 93 4.60 -12.85 -12.49
C ASP A 93 4.76 -11.40 -12.07
N ALA A 94 5.67 -10.70 -12.73
CA ALA A 94 5.97 -9.30 -12.39
C ALA A 94 4.75 -8.41 -12.60
N ALA A 95 3.95 -8.74 -13.60
CA ALA A 95 2.74 -7.98 -13.91
C ALA A 95 1.74 -8.05 -12.76
N SER A 96 1.42 -9.26 -12.34
CA SER A 96 0.52 -9.47 -11.21
C SER A 96 1.05 -8.78 -9.96
N MET A 97 2.36 -8.83 -9.76
CA MET A 97 3.00 -8.13 -8.66
C MET A 97 2.72 -6.63 -8.72
N GLN A 98 2.92 -6.04 -9.89
CA GLN A 98 2.58 -4.64 -10.11
C GLN A 98 1.11 -4.38 -9.82
N ARG A 99 0.25 -5.30 -10.24
CA ARG A 99 -1.19 -5.11 -10.14
C ARG A 99 -1.63 -4.98 -8.69
N TYR A 100 -1.09 -5.85 -7.83
CA TYR A 100 -1.41 -5.81 -6.41
C TYR A 100 -0.91 -4.53 -5.76
N SER A 101 0.36 -4.22 -5.98
CA SER A 101 0.97 -3.03 -5.38
C SER A 101 0.33 -1.75 -5.90
N THR A 102 -0.17 -1.81 -7.13
CA THR A 102 -0.84 -0.66 -7.74
C THR A 102 -2.24 -0.48 -7.16
N GLU A 103 -2.94 -1.58 -6.95
CA GLU A 103 -4.28 -1.54 -6.37
C GLU A 103 -4.22 -1.14 -4.90
N MET A 104 -3.13 -1.51 -4.23
CA MET A 104 -2.90 -1.09 -2.86
C MET A 104 -2.49 0.37 -2.78
N MET A 105 -1.74 0.82 -3.77
CA MET A 105 -1.47 2.24 -3.95
C MET A 105 -2.75 3.02 -4.21
N ASN A 106 -3.66 2.41 -4.97
CA ASN A 106 -4.96 3.01 -5.23
C ASN A 106 -5.73 3.21 -3.93
N VAL A 107 -5.65 2.24 -3.05
CA VAL A 107 -6.32 2.32 -1.76
C VAL A 107 -5.78 3.48 -0.92
N ILE A 108 -4.46 3.61 -0.88
CA ILE A 108 -3.81 4.62 -0.06
C ILE A 108 -3.96 6.00 -0.67
N SER A 109 -3.95 6.06 -2.00
CA SER A 109 -4.08 7.33 -2.71
C SER A 109 -5.46 7.95 -2.48
N ALA A 110 -6.50 7.20 -2.82
CA ALA A 110 -7.87 7.64 -2.60
C ALA A 110 -8.17 7.76 -1.10
N GLY A 111 -7.56 6.88 -0.31
CA GLY A 111 -7.76 6.88 1.13
C GLY A 111 -7.25 8.17 1.75
N LEU A 112 -6.07 8.61 1.32
CA LEU A 112 -5.46 9.82 1.85
C LEU A 112 -6.23 11.05 1.39
N ASP A 113 -6.83 10.98 0.21
CA ASP A 113 -7.66 12.06 -0.31
C ASP A 113 -8.88 12.28 0.57
N LYS A 114 -9.47 11.18 1.05
CA LYS A 114 -10.67 11.26 1.88
C LYS A 114 -10.30 11.47 3.35
N SER A 115 -9.21 10.85 3.77
CA SER A 115 -8.79 10.93 5.16
C SER A 115 -8.26 12.33 5.49
N GLY A 4 5.50 -1.97 -11.62
CA GLY A 4 4.15 -2.49 -11.48
C GLY A 4 3.87 -2.92 -10.04
N ASP A 5 4.90 -3.44 -9.38
CA ASP A 5 4.76 -3.92 -8.01
C ASP A 5 4.86 -2.77 -7.01
N THR A 6 5.11 -1.57 -7.53
CA THR A 6 5.22 -0.39 -6.68
C THR A 6 4.44 0.78 -7.27
N ALA A 7 3.71 1.48 -6.40
CA ALA A 7 2.91 2.63 -6.83
C ALA A 7 3.03 3.79 -5.85
N SER A 8 3.24 4.99 -6.39
CA SER A 8 3.51 6.16 -5.57
C SER A 8 2.39 7.18 -5.71
N LEU A 9 1.88 7.66 -4.57
CA LEU A 9 0.95 8.78 -4.57
C LEU A 9 1.67 10.10 -4.31
N LEU A 10 1.49 11.05 -5.23
CA LEU A 10 2.01 12.40 -5.04
C LEU A 10 1.14 13.22 -4.11
N VAL A 11 1.75 13.87 -3.13
CA VAL A 11 1.01 14.65 -2.14
C VAL A 11 1.50 16.09 -2.10
N GLU A 12 0.74 16.98 -2.73
CA GLU A 12 1.13 18.38 -2.83
C GLU A 12 1.28 19.02 -1.46
N ASN A 13 2.53 19.23 -1.04
CA ASN A 13 2.80 19.99 0.18
C ASN A 13 2.04 19.44 1.37
N GLY A 14 2.04 18.12 1.50
CA GLY A 14 1.43 17.46 2.65
C GLY A 14 2.45 17.18 3.73
N ARG A 15 2.32 17.88 4.87
CA ARG A 15 3.24 17.71 5.98
C ARG A 15 3.47 16.24 6.30
N GLY A 16 4.70 15.78 6.10
CA GLY A 16 5.02 14.37 6.27
C GLY A 16 4.73 13.91 7.69
N ASN A 17 4.88 14.81 8.65
CA ASN A 17 4.65 14.49 10.05
C ASN A 17 3.19 14.21 10.33
N THR A 18 2.32 14.71 9.47
CA THR A 18 0.88 14.49 9.61
C THR A 18 0.35 13.61 8.48
N LEU A 19 1.17 13.39 7.46
CA LEU A 19 0.77 12.61 6.31
C LEU A 19 0.75 11.12 6.63
N TRP A 20 1.87 10.60 7.13
CA TRP A 20 2.01 9.18 7.37
C TRP A 20 0.96 8.67 8.36
N PRO A 21 0.79 9.41 9.45
CA PRO A 21 -0.23 9.08 10.43
C PRO A 21 -1.59 8.86 9.77
N GLN A 22 -1.91 9.71 8.81
CA GLN A 22 -3.19 9.64 8.12
C GLN A 22 -3.23 8.47 7.14
N VAL A 23 -2.09 8.19 6.52
CA VAL A 23 -1.93 6.99 5.71
C VAL A 23 -2.26 5.75 6.51
N VAL A 24 -1.80 5.71 7.76
CA VAL A 24 -2.16 4.63 8.67
C VAL A 24 -3.65 4.61 8.96
N SER A 25 -4.21 5.79 9.20
CA SER A 25 -5.63 5.92 9.54
C SER A 25 -6.51 5.48 8.38
N VAL A 26 -5.98 5.55 7.17
CA VAL A 26 -6.68 5.05 5.98
C VAL A 26 -6.57 3.54 5.88
N LEU A 27 -5.38 3.01 6.12
CA LEU A 27 -5.16 1.57 6.07
C LEU A 27 -6.07 0.83 7.04
N GLN A 28 -6.22 1.39 8.24
CA GLN A 28 -7.07 0.79 9.26
C GLN A 28 -8.53 0.77 8.83
N ALA A 29 -8.92 1.78 8.06
CA ALA A 29 -10.30 1.89 7.59
C ALA A 29 -10.66 0.74 6.65
N LYS A 30 -9.64 0.17 6.01
CA LYS A 30 -9.84 -0.93 5.07
C LYS A 30 -9.42 -2.25 5.68
N ASN A 31 -9.15 -2.24 6.97
CA ASN A 31 -8.76 -3.45 7.69
C ASN A 31 -7.43 -4.00 7.19
N TYR A 32 -6.54 -3.09 6.79
CA TYR A 32 -5.20 -3.46 6.36
C TYR A 32 -4.24 -3.55 7.54
N THR A 33 -4.29 -4.66 8.27
CA THR A 33 -3.54 -4.82 9.51
C THR A 33 -2.07 -4.51 9.29
N ILE A 34 -1.51 -3.65 10.13
CA ILE A 34 -0.09 -3.34 10.08
C ILE A 34 0.69 -4.11 11.13
N THR A 35 1.78 -4.75 10.70
CA THR A 35 2.57 -5.59 11.59
C THR A 35 3.65 -4.78 12.30
N GLN A 36 4.08 -3.69 11.67
CA GLN A 36 5.11 -2.84 12.23
C GLN A 36 4.96 -1.40 11.75
N ARG A 37 5.04 -0.46 12.68
CA ARG A 37 4.94 0.96 12.35
C ARG A 37 6.20 1.70 12.73
N ASP A 38 6.52 2.74 11.96
CA ASP A 38 7.65 3.61 12.27
C ASP A 38 7.32 5.07 11.98
N ASP A 39 6.89 5.79 13.01
CA ASP A 39 6.51 7.19 12.84
C ASP A 39 7.70 8.05 12.42
N ALA A 40 8.83 7.84 13.09
CA ALA A 40 10.03 8.66 12.85
C ALA A 40 10.51 8.52 11.42
N GLY A 41 10.43 7.30 10.88
CA GLY A 41 10.88 7.02 9.52
C GLY A 41 9.70 6.98 8.56
N GLN A 42 8.53 7.36 9.05
CA GLN A 42 7.32 7.36 8.23
C GLN A 42 7.23 6.10 7.39
N THR A 43 7.39 4.94 8.04
CA THR A 43 7.37 3.67 7.35
C THR A 43 6.51 2.65 8.09
N LEU A 44 5.76 1.86 7.34
CA LEU A 44 4.95 0.80 7.92
C LEU A 44 4.96 -0.45 7.04
N THR A 45 4.75 -1.61 7.66
CA THR A 45 4.64 -2.86 6.92
C THR A 45 3.37 -3.62 7.31
N THR A 46 2.61 -4.02 6.31
CA THR A 46 1.32 -4.66 6.54
C THR A 46 1.44 -6.18 6.52
N ASP A 47 0.42 -6.85 7.06
CA ASP A 47 0.35 -8.31 6.98
C ASP A 47 -0.37 -8.76 5.72
N TRP A 48 -0.37 -10.07 5.48
CA TRP A 48 -1.08 -10.64 4.35
C TRP A 48 -2.45 -9.99 4.17
N VAL A 49 -2.63 -9.30 3.05
CA VAL A 49 -3.90 -8.64 2.76
C VAL A 49 -4.75 -9.47 1.82
N GLN A 50 -5.87 -9.99 2.34
CA GLN A 50 -6.83 -10.72 1.54
C GLN A 50 -7.51 -9.81 0.52
N TRP A 51 -7.34 -10.13 -0.75
CA TRP A 51 -7.89 -9.30 -1.83
C TRP A 51 -8.62 -10.15 -2.86
N ASN A 52 -9.84 -9.76 -3.20
CA ASN A 52 -10.66 -10.54 -4.11
C ASN A 52 -10.50 -10.06 -5.55
N ARG A 53 -10.85 -10.92 -6.50
CA ARG A 53 -10.73 -10.59 -7.91
C ARG A 53 -11.83 -11.27 -8.72
N LEU A 54 -12.50 -10.47 -9.57
CA LEU A 54 -13.63 -10.97 -10.34
C LEU A 54 -13.17 -11.72 -11.58
N ASP A 55 -11.91 -11.52 -11.96
CA ASP A 55 -11.35 -12.17 -13.13
C ASP A 55 -10.72 -13.52 -12.77
N GLU A 56 -10.59 -13.77 -11.47
CA GLU A 56 -9.95 -14.98 -10.99
C GLU A 56 -10.82 -15.72 -10.00
N ASP A 57 -10.60 -17.03 -9.86
CA ASP A 57 -11.33 -17.83 -8.89
C ASP A 57 -10.58 -17.93 -7.58
N GLU A 58 -9.25 -17.89 -7.66
CA GLU A 58 -8.41 -17.93 -6.46
C GLU A 58 -8.06 -16.54 -5.98
N GLN A 59 -8.07 -16.36 -4.66
CA GLN A 59 -7.90 -15.03 -4.07
C GLN A 59 -6.44 -14.72 -3.80
N TYR A 60 -6.13 -13.44 -3.63
CA TYR A 60 -4.75 -12.98 -3.53
C TYR A 60 -4.39 -12.64 -2.10
N ARG A 61 -3.11 -12.78 -1.77
CA ARG A 61 -2.58 -12.32 -0.49
C ARG A 61 -1.16 -11.82 -0.62
N GLY A 62 -0.69 -11.09 0.39
CA GLY A 62 0.70 -10.66 0.44
C GLY A 62 0.86 -9.40 1.28
N ARG A 63 2.10 -8.96 1.46
CA ARG A 63 2.40 -7.84 2.35
C ARG A 63 2.83 -6.62 1.55
N TYR A 64 2.60 -5.44 2.11
CA TYR A 64 3.04 -4.19 1.49
C TYR A 64 3.90 -3.37 2.46
N GLN A 65 4.96 -2.78 1.94
CA GLN A 65 5.74 -1.80 2.70
C GLN A 65 5.45 -0.39 2.20
N ILE A 66 4.95 0.47 3.08
CA ILE A 66 4.52 1.81 2.71
C ILE A 66 5.34 2.88 3.41
N SER A 67 5.98 3.74 2.63
CA SER A 67 6.87 4.75 3.18
C SER A 67 6.56 6.13 2.59
N VAL A 68 6.68 7.16 3.43
CA VAL A 68 6.54 8.54 2.97
C VAL A 68 7.89 9.16 2.69
N LYS A 69 8.06 9.65 1.47
CA LYS A 69 9.34 10.22 1.04
C LYS A 69 9.17 11.66 0.59
N PRO A 70 10.23 12.46 0.75
CA PRO A 70 10.19 13.87 0.37
C PRO A 70 10.27 14.03 -1.14
N GLN A 71 9.61 15.05 -1.66
CA GLN A 71 9.68 15.37 -3.08
C GLN A 71 9.89 16.87 -3.31
N GLY A 72 11.01 17.38 -2.81
CA GLY A 72 11.31 18.80 -2.91
C GLY A 72 10.47 19.61 -1.92
N TYR A 73 9.45 20.29 -2.43
CA TYR A 73 8.52 21.03 -1.58
C TYR A 73 7.25 20.23 -1.35
N GLN A 74 7.16 19.07 -1.99
CA GLN A 74 6.01 18.19 -1.81
C GLN A 74 6.43 16.88 -1.14
N GLN A 75 5.45 16.03 -0.85
CA GLN A 75 5.72 14.68 -0.35
C GLN A 75 5.16 13.62 -1.28
N ALA A 76 5.50 12.37 -1.01
CA ALA A 76 4.93 11.24 -1.75
C ALA A 76 4.76 10.03 -0.84
N VAL A 77 3.68 9.28 -1.06
CA VAL A 77 3.45 8.04 -0.34
C VAL A 77 3.64 6.83 -1.24
N THR A 78 4.72 6.10 -1.02
CA THR A 78 5.10 4.99 -1.90
C THR A 78 4.66 3.65 -1.32
N VAL A 79 3.89 2.90 -2.08
CA VAL A 79 3.46 1.57 -1.68
C VAL A 79 4.20 0.49 -2.45
N LYS A 80 5.02 -0.28 -1.75
CA LYS A 80 5.85 -1.31 -2.38
C LYS A 80 5.34 -2.70 -2.03
N LEU A 81 5.15 -3.54 -3.05
CA LEU A 81 4.77 -4.92 -2.83
C LEU A 81 5.95 -5.76 -2.34
N LEU A 82 5.75 -6.43 -1.21
CA LEU A 82 6.80 -7.27 -0.63
C LEU A 82 6.71 -8.69 -1.16
N ASN A 83 5.48 -9.21 -1.24
CA ASN A 83 5.24 -10.54 -1.78
C ASN A 83 3.79 -10.72 -2.21
N LEU A 84 3.56 -11.66 -3.12
CA LEU A 84 2.23 -11.87 -3.68
C LEU A 84 1.96 -13.35 -3.93
N GLU A 85 0.91 -13.86 -3.31
CA GLU A 85 0.48 -15.24 -3.57
C GLU A 85 -0.99 -15.29 -3.97
N GLN A 86 -1.37 -16.36 -4.66
CA GLN A 86 -2.76 -16.59 -5.00
C GLN A 86 -3.21 -17.98 -4.58
N ALA A 87 -4.08 -18.05 -3.58
CA ALA A 87 -4.41 -19.31 -2.92
C ALA A 87 -3.14 -20.03 -2.46
N GLY A 88 -2.16 -19.26 -2.03
CA GLY A 88 -0.93 -19.82 -1.48
C GLY A 88 0.08 -20.11 -2.57
N LYS A 89 -0.25 -19.69 -3.79
CA LYS A 89 0.62 -19.92 -4.94
C LYS A 89 1.37 -18.66 -5.32
N PRO A 90 2.70 -18.72 -5.24
CA PRO A 90 3.55 -17.57 -5.57
C PRO A 90 3.19 -17.00 -6.93
N VAL A 91 2.96 -15.68 -6.97
CA VAL A 91 2.56 -15.02 -8.20
C VAL A 91 3.72 -14.25 -8.82
N ALA A 92 4.16 -14.70 -9.98
CA ALA A 92 5.20 -14.00 -10.74
C ALA A 92 4.59 -13.09 -11.78
N ASP A 93 3.28 -13.16 -11.94
CA ASP A 93 2.57 -12.36 -12.92
C ASP A 93 2.60 -10.87 -12.55
N ALA A 94 3.26 -10.08 -13.38
CA ALA A 94 3.40 -8.65 -13.12
C ALA A 94 2.05 -7.95 -13.19
N ALA A 95 1.15 -8.47 -14.02
CA ALA A 95 -0.18 -7.91 -14.17
C ALA A 95 -0.98 -8.01 -12.88
N SER A 96 -0.95 -9.20 -12.27
CA SER A 96 -1.56 -9.40 -10.96
C SER A 96 -0.99 -8.42 -9.94
N MET A 97 0.32 -8.20 -10.00
CA MET A 97 0.99 -7.33 -9.05
C MET A 97 0.49 -5.88 -9.17
N GLN A 98 0.48 -5.37 -10.40
CA GLN A 98 0.04 -4.00 -10.63
C GLN A 98 -1.47 -3.87 -10.52
N ARG A 99 -2.17 -5.00 -10.65
CA ARG A 99 -3.63 -5.02 -10.59
C ARG A 99 -4.13 -4.53 -9.23
N TYR A 100 -3.51 -5.04 -8.17
CA TYR A 100 -3.88 -4.66 -6.81
C TYR A 100 -3.10 -3.43 -6.35
N SER A 101 -1.79 -3.48 -6.50
CA SER A 101 -0.91 -2.45 -5.96
C SER A 101 -1.38 -1.06 -6.36
N THR A 102 -1.99 -0.96 -7.54
CA THR A 102 -2.58 0.29 -8.00
C THR A 102 -3.75 0.70 -7.11
N GLU A 103 -4.58 -0.27 -6.75
CA GLU A 103 -5.71 -0.01 -5.86
C GLU A 103 -5.25 0.41 -4.47
N MET A 104 -4.12 -0.15 -4.05
CA MET A 104 -3.56 0.18 -2.74
C MET A 104 -3.20 1.65 -2.63
N MET A 105 -2.60 2.18 -3.69
CA MET A 105 -2.30 3.61 -3.76
C MET A 105 -3.58 4.44 -3.85
N ASN A 106 -4.54 3.93 -4.62
CA ASN A 106 -5.81 4.63 -4.82
C ASN A 106 -6.59 4.74 -3.52
N VAL A 107 -6.51 3.70 -2.69
CA VAL A 107 -7.13 3.71 -1.38
C VAL A 107 -6.55 4.81 -0.51
N ILE A 108 -5.22 4.90 -0.48
CA ILE A 108 -4.55 5.93 0.29
C ILE A 108 -4.91 7.32 -0.22
N SER A 109 -5.01 7.46 -1.53
CA SER A 109 -5.34 8.74 -2.15
C SER A 109 -6.73 9.20 -1.75
N ALA A 110 -7.71 8.33 -1.92
CA ALA A 110 -9.09 8.64 -1.58
C ALA A 110 -9.24 8.93 -0.09
N GLY A 111 -8.56 8.14 0.73
CA GLY A 111 -8.63 8.30 2.18
C GLY A 111 -8.05 9.63 2.62
N LEU A 112 -6.93 10.02 2.01
CA LEU A 112 -6.29 11.28 2.31
C LEU A 112 -7.10 12.46 1.76
N ASP A 113 -7.83 12.21 0.68
CA ASP A 113 -8.70 13.23 0.09
C ASP A 113 -9.90 13.52 0.99
N LYS A 114 -10.39 12.48 1.65
CA LYS A 114 -11.53 12.63 2.56
C LYS A 114 -11.09 13.16 3.91
N SER A 115 -9.92 12.71 4.36
CA SER A 115 -9.36 13.18 5.63
C SER A 115 -8.81 14.59 5.50
N GLY A 4 4.44 -1.80 -12.93
CA GLY A 4 3.49 -2.90 -12.81
C GLY A 4 3.58 -3.57 -11.44
N ASP A 5 4.76 -3.48 -10.82
CA ASP A 5 4.99 -4.09 -9.53
C ASP A 5 4.65 -3.14 -8.38
N THR A 6 5.23 -1.94 -8.43
CA THR A 6 5.10 -0.99 -7.34
C THR A 6 4.35 0.26 -7.79
N ALA A 7 3.94 1.08 -6.83
CA ALA A 7 3.16 2.29 -7.13
C ALA A 7 3.58 3.44 -6.23
N SER A 8 3.26 4.66 -6.64
CA SER A 8 3.61 5.85 -5.89
C SER A 8 2.72 7.02 -6.26
N LEU A 9 2.31 7.80 -5.26
CA LEU A 9 1.38 8.90 -5.48
C LEU A 9 1.65 10.05 -4.51
N LEU A 10 1.54 11.28 -5.01
CA LEU A 10 1.70 12.46 -4.17
C LEU A 10 0.46 12.70 -3.32
N VAL A 11 0.57 12.44 -2.02
CA VAL A 11 -0.54 12.64 -1.10
C VAL A 11 -0.20 13.69 -0.04
N GLU A 12 -0.54 14.93 -0.33
CA GLU A 12 -0.18 16.05 0.56
C GLU A 12 -1.23 16.22 1.65
N ASN A 13 -0.93 15.71 2.84
CA ASN A 13 -1.75 15.96 4.02
C ASN A 13 -0.94 16.62 5.13
N GLY A 14 -0.35 17.76 4.82
CA GLY A 14 0.53 18.45 5.75
C GLY A 14 1.98 18.03 5.58
N ARG A 15 2.72 17.96 6.67
CA ARG A 15 4.09 17.46 6.65
C ARG A 15 4.11 15.94 6.59
N GLY A 16 5.30 15.39 6.36
CA GLY A 16 5.49 13.93 6.34
C GLY A 16 5.16 13.31 7.69
N ASN A 17 5.40 14.08 8.75
CA ASN A 17 5.13 13.60 10.10
C ASN A 17 3.66 13.76 10.46
N THR A 18 2.92 14.43 9.60
CA THR A 18 1.47 14.51 9.75
C THR A 18 0.76 13.61 8.74
N LEU A 19 1.47 13.25 7.68
CA LEU A 19 0.93 12.34 6.67
C LEU A 19 1.02 10.89 7.14
N TRP A 20 2.16 10.53 7.72
CA TRP A 20 2.40 9.15 8.12
C TRP A 20 1.32 8.64 9.06
N PRO A 21 1.04 9.40 10.11
CA PRO A 21 0.03 9.02 11.10
C PRO A 21 -1.38 9.15 10.53
N GLN A 22 -1.53 10.01 9.52
CA GLN A 22 -2.78 10.13 8.80
C GLN A 22 -3.06 8.88 7.98
N VAL A 23 -2.02 8.33 7.36
CA VAL A 23 -2.14 7.08 6.64
C VAL A 23 -2.49 5.93 7.58
N VAL A 24 -1.89 5.93 8.76
CA VAL A 24 -2.22 4.96 9.80
C VAL A 24 -3.69 5.04 10.17
N SER A 25 -4.18 6.25 10.40
CA SER A 25 -5.56 6.46 10.79
C SER A 25 -6.53 5.99 9.71
N VAL A 26 -6.18 6.27 8.46
CA VAL A 26 -7.03 5.89 7.33
C VAL A 26 -7.04 4.38 7.13
N LEU A 27 -5.86 3.77 7.21
CA LEU A 27 -5.74 2.32 7.05
C LEU A 27 -6.58 1.58 8.08
N GLN A 28 -6.49 2.02 9.34
CA GLN A 28 -7.26 1.41 10.41
C GLN A 28 -8.74 1.67 10.26
N ALA A 29 -9.08 2.86 9.77
CA ALA A 29 -10.47 3.27 9.63
C ALA A 29 -11.12 2.58 8.43
N LYS A 30 -10.30 2.19 7.46
CA LYS A 30 -10.79 1.65 6.20
C LYS A 30 -10.54 0.15 6.11
N ASN A 31 -10.34 -0.49 7.26
CA ASN A 31 -10.23 -1.94 7.31
C ASN A 31 -8.95 -2.42 6.65
N TYR A 32 -7.82 -1.93 7.13
CA TYR A 32 -6.51 -2.48 6.77
C TYR A 32 -5.70 -2.82 8.00
N THR A 33 -4.96 -3.92 7.93
CA THR A 33 -4.19 -4.41 9.07
C THR A 33 -2.72 -4.03 8.95
N ILE A 34 -2.23 -3.27 9.92
CA ILE A 34 -0.82 -2.87 9.95
C ILE A 34 -0.03 -3.73 10.92
N THR A 35 1.03 -4.37 10.41
CA THR A 35 1.83 -5.28 11.21
C THR A 35 2.84 -4.52 12.06
N GLN A 36 3.62 -3.67 11.42
CA GLN A 36 4.66 -2.91 12.11
C GLN A 36 4.60 -1.43 11.75
N ARG A 37 4.96 -0.58 12.71
CA ARG A 37 4.96 0.86 12.48
C ARG A 37 6.33 1.47 12.75
N ASP A 38 6.79 2.30 11.83
CA ASP A 38 8.04 3.03 12.02
C ASP A 38 7.85 4.52 11.80
N ASP A 39 7.63 5.25 12.90
CA ASP A 39 7.40 6.68 12.83
C ASP A 39 8.66 7.42 12.37
N ALA A 40 9.79 7.05 12.95
CA ALA A 40 11.06 7.73 12.68
C ALA A 40 11.43 7.62 11.20
N GLY A 41 11.19 6.44 10.62
CA GLY A 41 11.51 6.20 9.22
C GLY A 41 10.29 6.38 8.34
N GLN A 42 9.21 6.88 8.93
CA GLN A 42 7.98 7.15 8.18
C GLN A 42 7.64 5.98 7.26
N THR A 43 7.62 4.78 7.81
CA THR A 43 7.36 3.57 7.03
C THR A 43 6.37 2.65 7.75
N LEU A 44 5.40 2.15 7.00
CA LEU A 44 4.45 1.17 7.54
C LEU A 44 4.64 -0.19 6.89
N THR A 45 4.50 -1.25 7.68
CA THR A 45 4.50 -2.61 7.14
C THR A 45 3.16 -3.30 7.40
N THR A 46 2.43 -3.59 6.33
CA THR A 46 1.08 -4.13 6.44
C THR A 46 1.11 -5.64 6.59
N ASP A 47 -0.05 -6.21 6.94
CA ASP A 47 -0.20 -7.65 7.01
C ASP A 47 -0.65 -8.23 5.68
N TRP A 48 -0.81 -9.55 5.62
CA TRP A 48 -1.32 -10.21 4.43
C TRP A 48 -2.73 -9.73 4.09
N VAL A 49 -2.91 -9.30 2.85
CA VAL A 49 -4.24 -8.96 2.34
C VAL A 49 -4.71 -9.99 1.32
N GLN A 50 -5.93 -10.48 1.50
CA GLN A 50 -6.45 -11.58 0.69
C GLN A 50 -7.34 -11.05 -0.42
N TRP A 51 -7.12 -11.57 -1.63
CA TRP A 51 -7.92 -11.19 -2.79
C TRP A 51 -8.62 -12.41 -3.40
N ASN A 52 -9.84 -12.22 -3.85
CA ASN A 52 -10.60 -13.28 -4.50
C ASN A 52 -11.28 -12.78 -5.76
N ARG A 53 -10.51 -12.59 -6.82
CA ARG A 53 -11.03 -12.11 -8.09
C ARG A 53 -11.86 -13.18 -8.79
N LEU A 54 -13.02 -12.79 -9.30
CA LEU A 54 -13.95 -13.74 -9.90
C LEU A 54 -13.42 -14.27 -11.22
N ASP A 55 -12.57 -13.48 -11.87
CA ASP A 55 -11.96 -13.89 -13.14
C ASP A 55 -10.87 -14.92 -12.91
N GLU A 56 -10.37 -14.99 -11.67
CA GLU A 56 -9.31 -15.93 -11.33
C GLU A 56 -9.89 -17.26 -10.87
N ASP A 57 -9.10 -18.32 -11.01
CA ASP A 57 -9.51 -19.64 -10.56
C ASP A 57 -9.08 -19.89 -9.12
N GLU A 58 -7.97 -19.26 -8.72
CA GLU A 58 -7.45 -19.42 -7.38
C GLU A 58 -7.27 -18.07 -6.70
N GLN A 59 -7.28 -18.06 -5.36
CA GLN A 59 -7.11 -16.84 -4.59
C GLN A 59 -5.64 -16.54 -4.36
N TYR A 60 -5.34 -15.29 -4.04
CA TYR A 60 -3.96 -14.87 -3.80
C TYR A 60 -3.89 -13.78 -2.73
N ARG A 61 -2.69 -13.55 -2.21
CA ARG A 61 -2.49 -12.58 -1.15
C ARG A 61 -1.14 -11.89 -1.26
N GLY A 62 -1.04 -10.70 -0.70
CA GLY A 62 0.20 -9.92 -0.78
C GLY A 62 0.29 -8.91 0.36
N ARG A 63 1.46 -8.31 0.51
CA ARG A 63 1.68 -7.33 1.58
C ARG A 63 2.24 -6.03 1.01
N TYR A 64 2.00 -4.93 1.72
CA TYR A 64 2.40 -3.61 1.24
C TYR A 64 3.53 -3.04 2.09
N GLN A 65 4.50 -2.42 1.42
CA GLN A 65 5.53 -1.64 2.10
C GLN A 65 5.36 -0.15 1.82
N ILE A 66 4.87 0.58 2.81
CA ILE A 66 4.49 1.98 2.61
C ILE A 66 5.50 2.92 3.23
N SER A 67 6.09 3.78 2.40
CA SER A 67 7.06 4.76 2.87
C SER A 67 6.66 6.17 2.44
N VAL A 68 6.90 7.13 3.33
CA VAL A 68 6.59 8.52 3.05
C VAL A 68 7.85 9.34 2.88
N LYS A 69 7.88 10.18 1.84
CA LYS A 69 9.00 11.09 1.62
C LYS A 69 8.54 12.44 1.09
N PRO A 70 9.06 13.51 1.69
CA PRO A 70 8.70 14.86 1.28
C PRO A 70 9.25 15.16 -0.11
N GLN A 71 8.49 15.94 -0.89
CA GLN A 71 8.88 16.27 -2.25
C GLN A 71 8.59 17.74 -2.55
N GLY A 72 9.41 18.63 -2.00
CA GLY A 72 9.24 20.06 -2.22
C GLY A 72 8.08 20.61 -1.41
N TYR A 73 6.98 20.92 -2.10
CA TYR A 73 5.77 21.38 -1.43
C TYR A 73 4.73 20.27 -1.36
N GLN A 74 5.07 19.12 -1.92
CA GLN A 74 4.17 17.96 -1.89
C GLN A 74 4.73 16.88 -0.98
N GLN A 75 3.88 15.90 -0.65
CA GLN A 75 4.31 14.73 0.12
C GLN A 75 4.06 13.45 -0.65
N ALA A 76 5.13 12.71 -0.92
CA ALA A 76 5.04 11.49 -1.73
C ALA A 76 4.84 10.26 -0.86
N VAL A 77 3.92 9.40 -1.25
CA VAL A 77 3.82 8.07 -0.66
C VAL A 77 4.16 6.98 -1.68
N THR A 78 5.21 6.22 -1.39
CA THR A 78 5.64 5.14 -2.27
C THR A 78 5.39 3.79 -1.64
N VAL A 79 4.67 2.92 -2.36
CA VAL A 79 4.25 1.64 -1.83
C VAL A 79 4.77 0.49 -2.68
N LYS A 80 5.61 -0.35 -2.09
CA LYS A 80 6.24 -1.44 -2.83
C LYS A 80 5.66 -2.79 -2.41
N LEU A 81 5.91 -3.81 -3.23
CA LEU A 81 5.42 -5.15 -2.94
C LEU A 81 6.35 -5.90 -2.00
N LEU A 82 5.84 -6.28 -0.85
CA LEU A 82 6.60 -7.07 0.11
C LEU A 82 6.73 -8.52 -0.35
N ASN A 83 5.59 -9.11 -0.71
CA ASN A 83 5.56 -10.51 -1.15
C ASN A 83 4.23 -10.87 -1.76
N LEU A 84 4.19 -11.99 -2.47
CA LEU A 84 2.99 -12.40 -3.21
C LEU A 84 2.84 -13.91 -3.23
N GLU A 85 1.69 -14.40 -2.78
CA GLU A 85 1.42 -15.83 -2.75
C GLU A 85 0.12 -16.17 -3.46
N GLN A 86 0.14 -17.25 -4.23
CA GLN A 86 -1.08 -17.78 -4.83
C GLN A 86 -1.43 -19.14 -4.24
N ALA A 87 -2.66 -19.28 -3.77
CA ALA A 87 -3.10 -20.49 -3.10
C ALA A 87 -2.17 -20.84 -1.94
N GLY A 88 -1.63 -19.82 -1.29
CA GLY A 88 -0.85 -20.00 -0.07
C GLY A 88 0.61 -20.29 -0.37
N LYS A 89 0.95 -20.25 -1.66
CA LYS A 89 2.32 -20.53 -2.09
C LYS A 89 2.91 -19.35 -2.85
N PRO A 90 4.18 -19.07 -2.59
CA PRO A 90 4.85 -17.94 -3.22
C PRO A 90 4.76 -18.04 -4.74
N VAL A 91 4.54 -16.90 -5.39
CA VAL A 91 4.44 -16.86 -6.84
C VAL A 91 5.81 -16.60 -7.48
N ALA A 92 6.28 -17.57 -8.25
CA ALA A 92 7.57 -17.44 -8.93
C ALA A 92 7.40 -16.89 -10.34
N ASP A 93 6.26 -17.19 -10.96
CA ASP A 93 6.00 -16.77 -12.33
C ASP A 93 5.91 -15.26 -12.43
N ALA A 94 6.85 -14.65 -13.17
CA ALA A 94 6.94 -13.20 -13.25
C ALA A 94 5.67 -12.61 -13.85
N ALA A 95 5.07 -13.33 -14.79
CA ALA A 95 3.83 -12.89 -15.43
C ALA A 95 2.69 -12.82 -14.42
N SER A 96 2.54 -13.87 -13.62
CA SER A 96 1.54 -13.89 -12.56
C SER A 96 1.82 -12.85 -11.50
N MET A 97 3.11 -12.59 -11.26
CA MET A 97 3.53 -11.60 -10.28
C MET A 97 3.11 -10.19 -10.71
N GLN A 98 3.40 -9.85 -11.95
CA GLN A 98 3.00 -8.55 -12.50
C GLN A 98 1.49 -8.43 -12.58
N ARG A 99 0.83 -9.52 -12.95
CA ARG A 99 -0.63 -9.55 -13.00
C ARG A 99 -1.24 -9.13 -11.67
N TYR A 100 -0.88 -9.84 -10.61
CA TYR A 100 -1.47 -9.63 -9.30
C TYR A 100 -1.02 -8.31 -8.70
N SER A 101 0.25 -7.99 -8.90
CA SER A 101 0.84 -6.78 -8.33
C SER A 101 0.25 -5.53 -8.99
N THR A 102 -0.20 -5.68 -10.24
CA THR A 102 -0.92 -4.61 -10.92
C THR A 102 -2.29 -4.39 -10.30
N GLU A 103 -2.95 -5.48 -9.93
CA GLU A 103 -4.21 -5.40 -9.20
C GLU A 103 -4.01 -4.80 -7.81
N MET A 104 -2.83 -5.01 -7.24
CA MET A 104 -2.48 -4.44 -5.95
C MET A 104 -2.19 -2.95 -6.08
N MET A 105 -1.67 -2.55 -7.23
CA MET A 105 -1.43 -1.14 -7.51
C MET A 105 -2.74 -0.35 -7.56
N ASN A 106 -3.78 -0.99 -8.05
CA ASN A 106 -5.12 -0.39 -8.06
C ASN A 106 -5.61 -0.16 -6.64
N VAL A 107 -5.25 -1.06 -5.73
CA VAL A 107 -5.59 -0.90 -4.32
C VAL A 107 -4.76 0.20 -3.67
N ILE A 108 -3.50 0.29 -4.07
CA ILE A 108 -2.60 1.33 -3.56
C ILE A 108 -3.11 2.72 -3.97
N SER A 109 -3.46 2.86 -5.23
CA SER A 109 -3.92 4.15 -5.76
C SER A 109 -5.19 4.60 -5.05
N ALA A 110 -6.18 3.70 -4.97
CA ALA A 110 -7.43 4.00 -4.30
C ALA A 110 -7.22 4.20 -2.80
N GLY A 111 -6.31 3.42 -2.23
CA GLY A 111 -6.02 3.50 -0.81
C GLY A 111 -5.39 4.84 -0.45
N LEU A 112 -4.56 5.37 -1.35
CA LEU A 112 -3.92 6.65 -1.15
C LEU A 112 -4.86 7.81 -1.52
N ASP A 113 -5.87 7.49 -2.32
CA ASP A 113 -6.96 8.43 -2.57
C ASP A 113 -7.83 8.61 -1.32
N LYS A 114 -7.98 7.54 -0.56
CA LYS A 114 -8.69 7.60 0.71
C LYS A 114 -7.98 8.50 1.70
N SER A 115 -6.64 8.51 1.64
CA SER A 115 -5.85 9.38 2.49
C SER A 115 -5.69 10.77 1.87
N GLY A 4 7.21 -1.39 -11.47
CA GLY A 4 6.06 -2.26 -11.69
C GLY A 4 5.62 -2.92 -10.38
N ASP A 5 6.58 -3.16 -9.49
CA ASP A 5 6.29 -3.79 -8.21
C ASP A 5 6.01 -2.75 -7.14
N THR A 6 6.03 -1.49 -7.53
CA THR A 6 5.88 -0.38 -6.59
C THR A 6 4.91 0.67 -7.11
N ALA A 7 3.96 1.04 -6.26
CA ALA A 7 3.06 2.16 -6.56
C ALA A 7 3.62 3.48 -6.05
N SER A 8 3.35 4.56 -6.78
CA SER A 8 3.89 5.87 -6.44
C SER A 8 2.81 6.93 -6.47
N LEU A 9 2.57 7.56 -5.32
CA LEU A 9 1.61 8.66 -5.24
C LEU A 9 2.26 9.92 -4.68
N LEU A 10 2.38 10.94 -5.52
CA LEU A 10 2.92 12.23 -5.10
C LEU A 10 1.81 13.20 -4.72
N VAL A 11 1.78 13.60 -3.45
CA VAL A 11 0.76 14.53 -2.97
C VAL A 11 1.38 15.87 -2.60
N GLU A 12 0.57 16.93 -2.64
CA GLU A 12 1.05 18.27 -2.40
C GLU A 12 0.64 18.77 -1.02
N ASN A 13 1.14 19.94 -0.64
CA ASN A 13 0.70 20.59 0.59
C ASN A 13 1.10 19.78 1.82
N GLY A 14 2.17 19.00 1.68
CA GLY A 14 2.66 18.18 2.78
C GLY A 14 1.60 17.20 3.27
N ARG A 15 0.70 16.82 2.37
CA ARG A 15 -0.42 15.96 2.72
C ARG A 15 0.05 14.59 3.19
N GLY A 16 1.18 14.15 2.64
CA GLY A 16 1.72 12.84 2.97
C GLY A 16 2.06 12.73 4.45
N ASN A 17 2.31 13.87 5.08
CA ASN A 17 2.66 13.90 6.49
C ASN A 17 1.48 13.50 7.37
N THR A 18 0.28 13.73 6.85
CA THR A 18 -0.94 13.38 7.59
C THR A 18 -1.62 12.16 6.97
N LEU A 19 -1.22 11.81 5.76
CA LEU A 19 -1.73 10.62 5.09
C LEU A 19 -1.17 9.36 5.74
N TRP A 20 0.14 9.33 5.95
CA TRP A 20 0.81 8.13 6.41
C TRP A 20 0.15 7.57 7.66
N PRO A 21 -0.05 8.43 8.65
CA PRO A 21 -0.63 8.02 9.92
C PRO A 21 -2.09 7.59 9.74
N GLN A 22 -2.69 8.01 8.63
CA GLN A 22 -4.05 7.63 8.30
C GLN A 22 -4.08 6.37 7.45
N VAL A 23 -2.93 6.01 6.89
CA VAL A 23 -2.76 4.72 6.23
C VAL A 23 -2.89 3.57 7.22
N VAL A 24 -2.35 3.76 8.42
CA VAL A 24 -2.57 2.83 9.51
C VAL A 24 -4.05 2.73 9.86
N SER A 25 -4.72 3.88 9.97
CA SER A 25 -6.08 3.94 10.46
C SER A 25 -7.07 3.42 9.42
N VAL A 26 -6.75 3.63 8.14
CA VAL A 26 -7.62 3.23 7.05
C VAL A 26 -7.58 1.73 6.83
N LEU A 27 -6.44 1.12 7.17
CA LEU A 27 -6.32 -0.34 7.12
C LEU A 27 -6.98 -1.00 8.32
N GLN A 28 -6.84 -0.38 9.49
CA GLN A 28 -7.50 -0.85 10.69
C GLN A 28 -9.02 -0.80 10.54
N ALA A 29 -9.50 0.22 9.83
CA ALA A 29 -10.91 0.32 9.50
C ALA A 29 -11.36 -0.83 8.61
N LYS A 30 -10.40 -1.45 7.92
CA LYS A 30 -10.69 -2.58 7.04
C LYS A 30 -10.34 -3.89 7.71
N ASN A 31 -10.11 -3.85 9.02
CA ASN A 31 -9.82 -5.05 9.79
C ASN A 31 -8.45 -5.63 9.41
N TYR A 32 -7.58 -4.77 8.91
CA TYR A 32 -6.19 -5.14 8.66
C TYR A 32 -5.24 -4.41 9.59
N THR A 33 -4.14 -5.07 9.94
CA THR A 33 -3.23 -4.55 10.97
C THR A 33 -1.88 -4.17 10.37
N ILE A 34 -1.06 -3.50 11.16
CA ILE A 34 0.29 -3.16 10.75
C ILE A 34 1.32 -4.02 11.47
N THR A 35 2.27 -4.56 10.71
CA THR A 35 3.24 -5.50 11.26
C THR A 35 4.49 -4.77 11.75
N GLN A 36 4.73 -3.58 11.20
CA GLN A 36 5.84 -2.74 11.64
C GLN A 36 5.53 -1.27 11.39
N ARG A 37 5.82 -0.43 12.38
CA ARG A 37 5.51 0.99 12.30
C ARG A 37 6.67 1.84 12.81
N ASP A 38 7.11 2.78 11.98
CA ASP A 38 8.13 3.73 12.39
C ASP A 38 7.69 5.17 12.14
N ASP A 39 7.21 5.81 13.20
CA ASP A 39 6.79 7.21 13.11
C ASP A 39 7.94 8.12 12.70
N ALA A 40 9.13 7.83 13.22
CA ALA A 40 10.28 8.69 13.02
C ALA A 40 10.69 8.73 11.54
N GLY A 41 10.52 7.60 10.87
CA GLY A 41 10.92 7.49 9.47
C GLY A 41 9.70 7.51 8.55
N GLN A 42 8.53 7.76 9.12
CA GLN A 42 7.29 7.77 8.36
C GLN A 42 7.18 6.56 7.45
N THR A 43 7.46 5.38 8.01
CA THR A 43 7.47 4.16 7.23
C THR A 43 6.77 3.03 7.99
N LEU A 44 5.88 2.32 7.29
CA LEU A 44 5.13 1.23 7.89
C LEU A 44 5.03 0.04 6.96
N THR A 45 4.83 -1.14 7.53
CA THR A 45 4.66 -2.36 6.75
C THR A 45 3.37 -3.09 7.13
N THR A 46 2.56 -3.41 6.13
CA THR A 46 1.23 -3.96 6.37
C THR A 46 1.29 -5.46 6.60
N ASP A 47 0.21 -6.00 7.17
CA ASP A 47 -0.03 -7.44 7.14
C ASP A 47 -0.60 -7.86 5.78
N TRP A 48 -1.07 -9.11 5.70
CA TRP A 48 -1.67 -9.62 4.48
C TRP A 48 -3.03 -8.98 4.22
N VAL A 49 -3.18 -8.40 3.04
CA VAL A 49 -4.46 -7.84 2.62
C VAL A 49 -5.04 -8.62 1.45
N GLN A 50 -6.31 -8.99 1.56
CA GLN A 50 -6.96 -9.82 0.56
C GLN A 50 -7.81 -8.97 -0.40
N TRP A 51 -7.75 -9.30 -1.68
CA TRP A 51 -8.57 -8.62 -2.67
C TRP A 51 -9.41 -9.61 -3.47
N ASN A 52 -10.70 -9.31 -3.61
CA ASN A 52 -11.59 -10.11 -4.43
C ASN A 52 -11.95 -9.40 -5.73
N ARG A 53 -11.14 -9.63 -6.76
CA ARG A 53 -11.31 -8.94 -8.03
C ARG A 53 -12.51 -9.48 -8.80
N LEU A 54 -13.25 -8.58 -9.44
CA LEU A 54 -14.45 -8.97 -10.18
C LEU A 54 -14.09 -9.44 -11.59
N ASP A 55 -12.90 -9.05 -12.05
CA ASP A 55 -12.41 -9.48 -13.35
C ASP A 55 -11.51 -10.69 -13.24
N GLU A 56 -11.48 -11.30 -12.05
CA GLU A 56 -10.70 -12.50 -11.82
C GLU A 56 -11.56 -13.62 -11.26
N ASP A 57 -11.18 -14.86 -11.56
CA ASP A 57 -11.87 -16.02 -11.02
C ASP A 57 -11.28 -16.45 -9.68
N GLU A 58 -10.01 -16.10 -9.47
CA GLU A 58 -9.34 -16.44 -8.22
C GLU A 58 -9.06 -15.18 -7.39
N GLN A 59 -8.99 -15.36 -6.07
CA GLN A 59 -8.72 -14.25 -5.16
C GLN A 59 -7.22 -14.07 -4.94
N TYR A 60 -6.83 -12.88 -4.50
CA TYR A 60 -5.42 -12.57 -4.28
C TYR A 60 -5.18 -12.11 -2.84
N ARG A 61 -3.99 -12.39 -2.34
CA ARG A 61 -3.61 -11.95 -1.00
C ARG A 61 -2.16 -11.46 -0.96
N GLY A 62 -1.99 -10.16 -0.78
CA GLY A 62 -0.67 -9.54 -0.89
C GLY A 62 -0.45 -8.53 0.23
N ARG A 63 0.79 -8.06 0.36
CA ARG A 63 1.14 -7.13 1.42
C ARG A 63 2.19 -6.12 0.94
N TYR A 64 2.13 -4.91 1.46
CA TYR A 64 2.92 -3.80 0.94
C TYR A 64 3.63 -3.05 2.06
N GLN A 65 4.72 -2.39 1.72
CA GLN A 65 5.37 -1.45 2.65
C GLN A 65 5.24 -0.01 2.15
N ILE A 66 4.78 0.87 3.03
CA ILE A 66 4.49 2.24 2.65
C ILE A 66 5.46 3.21 3.32
N SER A 67 6.18 3.97 2.51
CA SER A 67 7.18 4.91 3.03
C SER A 67 7.01 6.28 2.38
N VAL A 68 6.92 7.31 3.21
CA VAL A 68 6.72 8.67 2.72
C VAL A 68 8.02 9.47 2.76
N LYS A 69 8.47 9.90 1.58
CA LYS A 69 9.70 10.68 1.47
C LYS A 69 9.39 12.14 1.19
N PRO A 70 9.95 13.03 2.01
CA PRO A 70 9.78 14.46 1.82
C PRO A 70 10.21 14.88 0.43
N GLN A 71 9.45 15.79 -0.19
CA GLN A 71 9.78 16.33 -1.49
C GLN A 71 9.53 17.83 -1.55
N GLY A 72 10.20 18.57 -0.69
CA GLY A 72 10.01 20.01 -0.61
C GLY A 72 8.70 20.36 0.09
N TYR A 73 7.71 20.79 -0.70
CA TYR A 73 6.37 21.02 -0.19
C TYR A 73 5.45 19.86 -0.54
N GLN A 74 5.98 18.87 -1.25
CA GLN A 74 5.22 17.67 -1.59
C GLN A 74 5.74 16.46 -0.84
N GLN A 75 4.92 15.40 -0.79
CA GLN A 75 5.33 14.15 -0.16
C GLN A 75 5.17 12.98 -1.13
N ALA A 76 6.25 12.24 -1.33
CA ALA A 76 6.23 11.08 -2.23
C ALA A 76 5.90 9.81 -1.46
N VAL A 77 4.71 9.27 -1.70
CA VAL A 77 4.28 8.03 -1.07
C VAL A 77 4.69 6.82 -1.89
N THR A 78 5.67 6.07 -1.38
CA THR A 78 6.15 4.87 -2.05
C THR A 78 5.55 3.62 -1.43
N VAL A 79 4.78 2.88 -2.22
CA VAL A 79 4.14 1.66 -1.74
C VAL A 79 4.67 0.43 -2.48
N LYS A 80 5.62 -0.26 -1.86
CA LYS A 80 6.35 -1.33 -2.52
C LYS A 80 5.79 -2.70 -2.14
N LEU A 81 5.60 -3.55 -3.14
CA LEU A 81 5.12 -4.91 -2.91
C LEU A 81 6.12 -5.70 -2.07
N LEU A 82 5.68 -6.16 -0.90
CA LEU A 82 6.50 -7.00 -0.04
C LEU A 82 6.36 -8.46 -0.41
N ASN A 83 5.13 -8.89 -0.64
CA ASN A 83 4.86 -10.27 -1.08
C ASN A 83 3.46 -10.40 -1.65
N LEU A 84 3.22 -11.49 -2.37
CA LEU A 84 1.94 -11.69 -3.06
C LEU A 84 1.60 -13.18 -3.16
N GLU A 85 0.35 -13.51 -2.86
CA GLU A 85 -0.13 -14.87 -3.01
C GLU A 85 -1.34 -14.92 -3.95
N GLN A 86 -1.35 -15.91 -4.84
CA GLN A 86 -2.52 -16.18 -5.67
C GLN A 86 -3.29 -17.39 -5.16
N ALA A 87 -4.54 -17.18 -4.79
CA ALA A 87 -5.37 -18.23 -4.23
C ALA A 87 -4.66 -18.91 -3.06
N GLY A 88 -3.96 -18.13 -2.25
CA GLY A 88 -3.32 -18.64 -1.04
C GLY A 88 -1.92 -19.14 -1.34
N LYS A 89 -1.57 -19.18 -2.61
CA LYS A 89 -0.28 -19.73 -3.04
C LYS A 89 0.68 -18.60 -3.43
N PRO A 90 1.80 -18.50 -2.72
CA PRO A 90 2.80 -17.49 -3.01
C PRO A 90 3.19 -17.49 -4.49
N VAL A 91 3.21 -16.30 -5.09
CA VAL A 91 3.52 -16.18 -6.51
C VAL A 91 5.03 -16.13 -6.75
N ALA A 92 5.58 -17.25 -7.19
CA ALA A 92 7.01 -17.35 -7.42
C ALA A 92 7.45 -16.47 -8.58
N ASP A 93 6.60 -16.38 -9.60
CA ASP A 93 6.91 -15.60 -10.79
C ASP A 93 6.97 -14.11 -10.47
N ALA A 94 8.16 -13.53 -10.61
CA ALA A 94 8.36 -12.12 -10.29
C ALA A 94 7.57 -11.22 -11.22
N ALA A 95 7.51 -11.58 -12.49
CA ALA A 95 6.81 -10.80 -13.50
C ALA A 95 5.31 -10.76 -13.22
N SER A 96 4.76 -11.91 -12.80
CA SER A 96 3.36 -11.99 -12.41
C SER A 96 3.07 -11.09 -11.22
N MET A 97 4.00 -11.05 -10.27
CA MET A 97 3.87 -10.18 -9.10
C MET A 97 3.88 -8.71 -9.51
N GLN A 98 4.78 -8.37 -10.43
CA GLN A 98 4.87 -7.01 -10.93
C GLN A 98 3.60 -6.61 -11.68
N ARG A 99 3.08 -7.52 -12.49
CA ARG A 99 1.91 -7.25 -13.30
C ARG A 99 0.68 -7.00 -12.44
N TYR A 100 0.54 -7.80 -11.38
CA TYR A 100 -0.55 -7.61 -10.43
C TYR A 100 -0.43 -6.28 -9.69
N SER A 101 0.74 -6.07 -9.07
CA SER A 101 0.97 -4.86 -8.28
C SER A 101 0.91 -3.61 -9.16
N THR A 102 1.19 -3.79 -10.46
CA THR A 102 1.05 -2.71 -11.42
C THR A 102 -0.41 -2.35 -11.65
N GLU A 103 -1.23 -3.38 -11.83
CA GLU A 103 -2.67 -3.18 -12.00
C GLU A 103 -3.31 -2.69 -10.71
N MET A 104 -2.65 -2.96 -9.58
CA MET A 104 -3.19 -2.59 -8.27
C MET A 104 -2.63 -1.26 -7.81
N MET A 105 -1.90 -0.59 -8.69
CA MET A 105 -1.40 0.76 -8.42
C MET A 105 -2.55 1.74 -8.24
N ASN A 106 -3.57 1.60 -9.08
CA ASN A 106 -4.77 2.43 -8.98
C ASN A 106 -5.57 2.09 -7.72
N VAL A 107 -5.52 0.83 -7.32
CA VAL A 107 -6.18 0.37 -6.11
C VAL A 107 -5.50 0.97 -4.87
N ILE A 108 -4.17 0.95 -4.86
CA ILE A 108 -3.41 1.50 -3.75
C ILE A 108 -3.62 3.01 -3.63
N SER A 109 -3.56 3.71 -4.76
CA SER A 109 -3.72 5.15 -4.78
C SER A 109 -5.15 5.56 -4.43
N ALA A 110 -6.10 4.71 -4.78
CA ALA A 110 -7.49 4.92 -4.41
C ALA A 110 -7.70 4.81 -2.91
N GLY A 111 -7.03 3.84 -2.30
CA GLY A 111 -7.07 3.66 -0.86
C GLY A 111 -6.38 4.83 -0.15
N LEU A 112 -5.31 5.33 -0.76
CA LEU A 112 -4.59 6.48 -0.22
C LEU A 112 -5.44 7.75 -0.34
N ASP A 113 -6.26 7.81 -1.39
CA ASP A 113 -7.15 8.95 -1.59
C ASP A 113 -8.25 8.98 -0.55
N LYS A 114 -8.82 7.81 -0.26
CA LYS A 114 -9.89 7.70 0.73
C LYS A 114 -9.32 7.79 2.15
N SER A 115 -8.09 7.35 2.32
CA SER A 115 -7.41 7.44 3.61
C SER A 115 -7.31 8.89 4.08
N GLY A 4 7.07 -1.65 -11.34
CA GLY A 4 5.79 -2.33 -11.56
C GLY A 4 5.22 -2.86 -10.26
N ASP A 5 6.10 -3.17 -9.31
CA ASP A 5 5.68 -3.71 -8.02
C ASP A 5 5.52 -2.61 -6.99
N THR A 6 5.58 -1.36 -7.44
CA THR A 6 5.32 -0.21 -6.58
C THR A 6 4.35 0.76 -7.24
N ALA A 7 3.61 1.50 -6.42
CA ALA A 7 2.75 2.57 -6.90
C ALA A 7 3.23 3.93 -6.42
N SER A 8 3.08 4.95 -7.26
CA SER A 8 3.65 6.26 -6.99
C SER A 8 2.57 7.28 -6.67
N LEU A 9 2.55 7.72 -5.42
CA LEU A 9 1.70 8.85 -5.03
C LEU A 9 2.55 10.02 -4.53
N LEU A 10 1.91 11.17 -4.35
CA LEU A 10 2.62 12.38 -3.94
C LEU A 10 1.74 13.26 -3.06
N VAL A 11 2.32 13.76 -1.97
CA VAL A 11 1.57 14.58 -1.01
C VAL A 11 2.35 15.82 -0.64
N GLU A 12 1.66 16.97 -0.66
CA GLU A 12 2.24 18.22 -0.18
C GLU A 12 2.92 18.02 1.17
N ASN A 13 4.08 18.65 1.33
CA ASN A 13 4.87 18.49 2.54
C ASN A 13 4.02 18.71 3.79
N GLY A 14 3.21 19.77 3.77
CA GLY A 14 2.35 20.10 4.90
C GLY A 14 1.39 18.96 5.21
N ARG A 15 0.81 18.38 4.17
CA ARG A 15 -0.14 17.29 4.34
C ARG A 15 0.55 15.96 4.54
N GLY A 16 1.81 15.89 4.13
CA GLY A 16 2.56 14.65 4.20
C GLY A 16 2.80 14.22 5.64
N ASN A 17 2.99 15.20 6.51
CA ASN A 17 3.21 14.94 7.93
C ASN A 17 1.92 14.47 8.61
N THR A 18 0.79 14.80 8.01
CA THR A 18 -0.50 14.36 8.52
C THR A 18 -1.01 13.14 7.75
N LEU A 19 -0.35 12.82 6.64
CA LEU A 19 -0.73 11.67 5.84
C LEU A 19 -0.46 10.37 6.58
N TRP A 20 0.71 10.27 7.20
CA TRP A 20 1.18 9.00 7.75
C TRP A 20 0.16 8.42 8.73
N PRO A 21 -0.26 9.23 9.69
CA PRO A 21 -1.21 8.79 10.69
C PRO A 21 -2.60 8.58 10.08
N GLN A 22 -2.89 9.31 9.02
CA GLN A 22 -4.14 9.14 8.29
C GLN A 22 -4.17 7.81 7.57
N VAL A 23 -3.03 7.42 6.99
CA VAL A 23 -2.91 6.13 6.31
C VAL A 23 -3.08 4.98 7.29
N VAL A 24 -2.52 5.14 8.49
CA VAL A 24 -2.72 4.17 9.56
C VAL A 24 -4.19 3.96 9.85
N SER A 25 -4.93 5.06 10.00
CA SER A 25 -6.35 4.99 10.30
C SER A 25 -7.12 4.31 9.18
N VAL A 26 -6.74 4.60 7.94
CA VAL A 26 -7.42 4.04 6.77
C VAL A 26 -7.14 2.55 6.65
N LEU A 27 -5.88 2.17 6.81
CA LEU A 27 -5.46 0.78 6.67
C LEU A 27 -6.17 -0.12 7.66
N GLN A 28 -6.23 0.33 8.91
CA GLN A 28 -6.92 -0.42 9.96
C GLN A 28 -8.40 -0.54 9.68
N ALA A 29 -8.95 0.47 9.00
CA ALA A 29 -10.37 0.47 8.67
C ALA A 29 -10.65 -0.37 7.43
N LYS A 30 -9.60 -0.72 6.71
CA LYS A 30 -9.74 -1.45 5.46
C LYS A 30 -9.10 -2.83 5.55
N ASN A 31 -8.95 -3.33 6.77
CA ASN A 31 -8.51 -4.70 6.99
C ASN A 31 -7.07 -4.90 6.53
N TYR A 32 -6.23 -3.90 6.78
CA TYR A 32 -4.79 -4.02 6.56
C TYR A 32 -4.03 -3.85 7.86
N THR A 33 -4.07 -4.87 8.71
CA THR A 33 -3.42 -4.81 10.02
C THR A 33 -1.95 -4.45 9.90
N ILE A 34 -1.55 -3.39 10.58
CA ILE A 34 -0.17 -2.90 10.52
C ILE A 34 0.67 -3.48 11.65
N THR A 35 1.78 -4.11 11.30
CA THR A 35 2.62 -4.78 12.27
C THR A 35 3.80 -3.89 12.69
N GLN A 36 4.14 -2.94 11.83
CA GLN A 36 5.23 -2.01 12.12
C GLN A 36 4.82 -0.57 11.77
N ARG A 37 4.92 0.32 12.76
CA ARG A 37 4.62 1.72 12.55
C ARG A 37 5.82 2.60 12.83
N ASP A 38 6.54 2.97 11.77
CA ASP A 38 7.71 3.83 11.90
C ASP A 38 7.38 5.27 11.56
N ASP A 39 7.00 6.04 12.58
CA ASP A 39 6.60 7.44 12.38
C ASP A 39 7.77 8.28 11.90
N ALA A 40 8.95 8.03 12.47
CA ALA A 40 10.14 8.81 12.15
C ALA A 40 10.55 8.62 10.69
N GLY A 41 10.53 7.36 10.24
CA GLY A 41 10.87 7.04 8.86
C GLY A 41 9.63 6.94 7.99
N GLN A 42 8.49 7.32 8.55
CA GLN A 42 7.26 7.40 7.78
C GLN A 42 7.03 6.12 6.98
N THR A 43 7.16 4.97 7.65
CA THR A 43 7.05 3.68 6.98
C THR A 43 6.06 2.77 7.71
N LEU A 44 5.06 2.28 6.97
CA LEU A 44 4.13 1.31 7.51
C LEU A 44 4.32 -0.05 6.87
N THR A 45 4.29 -1.10 7.69
CA THR A 45 4.37 -2.47 7.19
C THR A 45 3.27 -3.34 7.78
N THR A 46 2.54 -4.04 6.92
CA THR A 46 1.36 -4.79 7.33
C THR A 46 1.64 -6.28 7.37
N ASP A 47 0.69 -7.05 7.90
CA ASP A 47 0.80 -8.49 7.94
C ASP A 47 0.29 -9.11 6.64
N TRP A 48 0.10 -10.44 6.66
CA TRP A 48 -0.45 -11.14 5.52
C TRP A 48 -1.92 -10.77 5.30
N VAL A 49 -2.24 -10.30 4.11
CA VAL A 49 -3.60 -9.89 3.78
C VAL A 49 -4.11 -10.62 2.55
N GLN A 50 -5.32 -11.16 2.64
CA GLN A 50 -5.97 -11.80 1.50
C GLN A 50 -6.59 -10.76 0.56
N TRP A 51 -6.13 -10.75 -0.68
CA TRP A 51 -6.69 -9.87 -1.69
C TRP A 51 -7.88 -10.53 -2.39
N ASN A 52 -9.08 -10.08 -2.05
CA ASN A 52 -10.30 -10.65 -2.63
C ASN A 52 -11.11 -9.58 -3.36
N ARG A 53 -10.95 -9.54 -4.68
CA ARG A 53 -11.69 -8.58 -5.50
C ARG A 53 -12.61 -9.29 -6.48
N LEU A 54 -13.89 -8.94 -6.43
CA LEU A 54 -14.91 -9.69 -7.18
C LEU A 54 -14.76 -9.48 -8.68
N ASP A 55 -14.09 -8.40 -9.06
CA ASP A 55 -13.81 -8.13 -10.46
C ASP A 55 -12.90 -9.18 -11.06
N GLU A 56 -12.15 -9.87 -10.21
CA GLU A 56 -11.24 -10.91 -10.66
C GLU A 56 -11.67 -12.28 -10.13
N ASP A 57 -11.55 -13.29 -10.98
CA ASP A 57 -12.02 -14.63 -10.65
C ASP A 57 -11.13 -15.28 -9.59
N GLU A 58 -9.82 -15.07 -9.72
CA GLU A 58 -8.86 -15.69 -8.82
C GLU A 58 -8.67 -14.85 -7.57
N GLN A 59 -8.37 -15.51 -6.46
CA GLN A 59 -8.06 -14.83 -5.21
C GLN A 59 -6.56 -14.78 -4.96
N TYR A 60 -6.10 -13.72 -4.30
CA TYR A 60 -4.68 -13.48 -4.13
C TYR A 60 -4.34 -13.19 -2.66
N ARG A 61 -3.05 -13.23 -2.34
CA ARG A 61 -2.59 -12.82 -1.03
C ARG A 61 -1.22 -12.14 -1.12
N GLY A 62 -0.91 -11.33 -0.11
CA GLY A 62 0.40 -10.70 -0.03
C GLY A 62 0.46 -9.72 1.14
N ARG A 63 1.59 -9.01 1.25
CA ARG A 63 1.76 -8.02 2.30
C ARG A 63 2.03 -6.64 1.70
N TYR A 64 1.89 -5.61 2.53
CA TYR A 64 2.02 -4.23 2.08
C TYR A 64 3.09 -3.48 2.87
N GLN A 65 3.80 -2.58 2.19
CA GLN A 65 4.68 -1.64 2.88
C GLN A 65 4.69 -0.29 2.17
N ILE A 66 4.41 0.76 2.94
CA ILE A 66 4.31 2.11 2.38
C ILE A 66 5.30 3.05 3.05
N SER A 67 6.16 3.66 2.25
CA SER A 67 7.17 4.58 2.77
C SER A 67 7.03 5.96 2.15
N VAL A 68 7.03 6.99 3.00
CA VAL A 68 6.93 8.36 2.54
C VAL A 68 8.22 9.13 2.80
N LYS A 69 8.76 9.74 1.75
CA LYS A 69 10.02 10.48 1.85
C LYS A 69 9.86 11.89 1.33
N PRO A 70 10.56 12.84 1.97
CA PRO A 70 10.49 14.24 1.59
C PRO A 70 11.22 14.48 0.27
N GLN A 71 10.62 15.31 -0.58
CA GLN A 71 11.24 15.68 -1.85
C GLN A 71 11.05 17.16 -2.15
N GLY A 72 11.79 18.01 -1.44
CA GLY A 72 11.70 19.45 -1.62
C GLY A 72 10.49 20.02 -0.89
N TYR A 73 9.48 20.41 -1.65
CA TYR A 73 8.29 21.02 -1.08
C TYR A 73 7.14 20.03 -0.99
N GLN A 74 7.37 18.82 -1.49
CA GLN A 74 6.38 17.75 -1.40
C GLN A 74 7.03 16.43 -1.04
N GLN A 75 6.28 15.57 -0.36
CA GLN A 75 6.80 14.28 0.07
C GLN A 75 6.30 13.16 -0.84
N ALA A 76 7.25 12.41 -1.41
CA ALA A 76 6.90 11.30 -2.30
C ALA A 76 6.38 10.11 -1.50
N VAL A 77 5.36 9.46 -2.04
CA VAL A 77 4.71 8.34 -1.35
C VAL A 77 4.87 7.05 -2.15
N THR A 78 5.72 6.16 -1.66
CA THR A 78 5.98 4.89 -2.33
C THR A 78 5.15 3.77 -1.71
N VAL A 79 4.20 3.24 -2.48
CA VAL A 79 3.40 2.10 -2.05
C VAL A 79 3.95 0.80 -2.60
N LYS A 80 4.68 0.07 -1.76
CA LYS A 80 5.46 -1.07 -2.23
C LYS A 80 4.76 -2.39 -1.90
N LEU A 81 4.75 -3.31 -2.86
CA LEU A 81 4.27 -4.66 -2.62
C LEU A 81 5.36 -5.54 -2.02
N LEU A 82 4.99 -6.35 -1.04
CA LEU A 82 5.94 -7.23 -0.37
C LEU A 82 5.89 -8.63 -0.94
N ASN A 83 4.71 -9.03 -1.42
CA ASN A 83 4.56 -10.32 -2.10
C ASN A 83 3.21 -10.42 -2.79
N LEU A 84 3.10 -11.35 -3.72
CA LEU A 84 1.82 -11.64 -4.37
C LEU A 84 1.73 -13.10 -4.80
N GLU A 85 0.74 -13.80 -4.27
CA GLU A 85 0.50 -15.20 -4.64
C GLU A 85 -0.92 -15.39 -5.14
N GLN A 86 -1.06 -16.06 -6.28
CA GLN A 86 -2.37 -16.43 -6.79
C GLN A 86 -2.79 -17.82 -6.31
N ALA A 87 -3.78 -17.87 -5.43
CA ALA A 87 -4.21 -19.13 -4.83
C ALA A 87 -3.02 -19.89 -4.26
N GLY A 88 -2.08 -19.16 -3.69
CA GLY A 88 -0.95 -19.78 -3.00
C GLY A 88 0.27 -19.85 -3.92
N LYS A 89 0.04 -19.73 -5.21
CA LYS A 89 1.12 -19.79 -6.20
C LYS A 89 1.69 -18.42 -6.47
N PRO A 90 3.00 -18.27 -6.28
CA PRO A 90 3.68 -17.00 -6.48
C PRO A 90 3.40 -16.45 -7.87
N VAL A 91 3.15 -15.14 -7.95
CA VAL A 91 2.85 -14.49 -9.21
C VAL A 91 4.07 -13.79 -9.79
N ALA A 92 4.58 -14.29 -10.90
CA ALA A 92 5.73 -13.69 -11.57
C ALA A 92 5.28 -12.65 -12.59
N ASP A 93 4.01 -12.68 -12.94
CA ASP A 93 3.47 -11.79 -13.97
C ASP A 93 3.56 -10.33 -13.54
N ALA A 94 4.31 -9.55 -14.29
CA ALA A 94 4.52 -8.13 -13.96
C ALA A 94 3.21 -7.36 -14.06
N ALA A 95 2.37 -7.73 -15.01
CA ALA A 95 1.09 -7.05 -15.22
C ALA A 95 0.19 -7.22 -14.01
N SER A 96 0.14 -8.43 -13.48
CA SER A 96 -0.61 -8.70 -12.25
C SER A 96 -0.07 -7.88 -11.09
N MET A 97 1.25 -7.73 -11.05
CA MET A 97 1.89 -6.94 -10.00
C MET A 97 1.51 -5.47 -10.11
N GLN A 98 1.42 -4.97 -11.34
CA GLN A 98 0.99 -3.60 -11.59
C GLN A 98 -0.45 -3.38 -11.13
N ARG A 99 -1.30 -4.38 -11.37
CA ARG A 99 -2.67 -4.34 -10.90
C ARG A 99 -2.73 -4.33 -9.37
N TYR A 100 -1.91 -5.17 -8.76
CA TYR A 100 -1.84 -5.25 -7.30
C TYR A 100 -1.30 -3.95 -6.71
N SER A 101 -0.40 -3.30 -7.44
CA SER A 101 0.18 -2.03 -7.01
C SER A 101 -0.89 -0.93 -6.97
N THR A 102 -1.67 -0.83 -8.03
CA THR A 102 -2.72 0.16 -8.12
C THR A 102 -3.91 -0.21 -7.24
N GLU A 103 -4.01 -1.49 -6.90
CA GLU A 103 -5.04 -1.96 -5.99
C GLU A 103 -4.89 -1.33 -4.60
N MET A 104 -3.66 -1.29 -4.11
CA MET A 104 -3.37 -0.67 -2.82
C MET A 104 -3.27 0.85 -2.95
N MET A 105 -2.81 1.31 -4.10
CA MET A 105 -2.72 2.74 -4.37
C MET A 105 -4.06 3.43 -4.14
N ASN A 106 -5.14 2.73 -4.49
CA ASN A 106 -6.48 3.25 -4.26
C ASN A 106 -6.77 3.38 -2.77
N VAL A 107 -6.20 2.48 -1.97
CA VAL A 107 -6.39 2.50 -0.53
C VAL A 107 -5.61 3.64 0.11
N ILE A 108 -4.40 3.87 -0.37
CA ILE A 108 -3.54 4.92 0.17
C ILE A 108 -4.01 6.29 -0.31
N SER A 109 -4.49 6.36 -1.54
CA SER A 109 -5.01 7.61 -2.09
C SER A 109 -6.28 8.05 -1.38
N ALA A 110 -6.97 7.09 -0.78
CA ALA A 110 -8.15 7.40 0.01
C ALA A 110 -7.78 8.21 1.25
N GLY A 111 -6.63 7.92 1.83
CA GLY A 111 -6.11 8.68 2.96
C GLY A 111 -5.41 9.94 2.51
N LEU A 112 -4.84 9.90 1.30
CA LEU A 112 -4.23 11.08 0.70
C LEU A 112 -5.23 12.22 0.59
N ASP A 113 -6.45 11.89 0.18
CA ASP A 113 -7.51 12.89 0.05
C ASP A 113 -7.94 13.41 1.42
N LYS A 114 -7.91 12.54 2.42
CA LYS A 114 -8.43 12.85 3.74
C LYS A 114 -7.33 13.36 4.67
N SER A 115 -6.11 13.37 4.16
CA SER A 115 -4.95 13.80 4.94
C SER A 115 -5.16 15.20 5.49
N GLY A 4 8.01 -1.50 -11.22
CA GLY A 4 6.74 -2.10 -11.63
C GLY A 4 5.95 -2.61 -10.42
N ASP A 5 6.67 -3.10 -9.42
CA ASP A 5 6.04 -3.60 -8.21
C ASP A 5 5.83 -2.49 -7.19
N THR A 6 6.12 -1.26 -7.61
CA THR A 6 6.06 -0.11 -6.71
C THR A 6 5.15 0.97 -7.26
N ALA A 7 4.10 1.29 -6.51
CA ALA A 7 3.17 2.34 -6.90
C ALA A 7 3.65 3.71 -6.43
N SER A 8 3.58 4.69 -7.32
CA SER A 8 4.03 6.04 -7.00
C SER A 8 2.85 7.00 -6.86
N LEU A 9 2.60 7.45 -5.64
CA LEU A 9 1.49 8.36 -5.38
C LEU A 9 1.99 9.73 -4.97
N LEU A 10 1.21 10.76 -5.28
CA LEU A 10 1.50 12.11 -4.80
C LEU A 10 0.38 12.63 -3.92
N VAL A 11 0.50 12.38 -2.61
CA VAL A 11 -0.57 12.70 -1.67
C VAL A 11 -0.20 13.89 -0.81
N GLU A 12 -0.87 15.01 -1.04
CA GLU A 12 -0.61 16.22 -0.26
C GLU A 12 -1.55 16.32 0.93
N ASN A 13 -1.21 15.59 2.01
CA ASN A 13 -1.96 15.67 3.26
C ASN A 13 -1.07 16.15 4.40
N GLY A 14 -0.41 17.28 4.19
CA GLY A 14 0.55 17.80 5.16
C GLY A 14 1.96 17.32 4.85
N ARG A 15 2.81 17.29 5.88
CA ARG A 15 4.19 16.86 5.72
C ARG A 15 4.30 15.34 5.72
N GLY A 16 5.48 14.83 5.37
CA GLY A 16 5.75 13.40 5.44
C GLY A 16 5.48 12.85 6.83
N ASN A 17 5.73 13.68 7.85
CA ASN A 17 5.49 13.29 9.22
C ASN A 17 3.99 13.20 9.52
N THR A 18 3.20 13.91 8.73
CA THR A 18 1.75 13.92 8.91
C THR A 18 1.08 12.91 7.98
N LEU A 19 1.82 12.45 6.97
CA LEU A 19 1.33 11.41 6.08
C LEU A 19 1.37 10.04 6.76
N TRP A 20 2.40 9.80 7.56
CA TRP A 20 2.63 8.50 8.15
C TRP A 20 1.43 8.05 8.97
N PRO A 21 1.00 8.91 9.89
CA PRO A 21 -0.15 8.61 10.74
C PRO A 21 -1.45 8.69 9.96
N GLN A 22 -1.44 9.45 8.87
CA GLN A 22 -2.60 9.55 8.00
C GLN A 22 -2.87 8.24 7.28
N VAL A 23 -1.80 7.57 6.87
CA VAL A 23 -1.91 6.27 6.22
C VAL A 23 -2.38 5.20 7.21
N VAL A 24 -1.91 5.30 8.44
CA VAL A 24 -2.33 4.38 9.50
C VAL A 24 -3.85 4.35 9.62
N SER A 25 -4.46 5.53 9.66
CA SER A 25 -5.90 5.64 9.85
C SER A 25 -6.65 5.10 8.64
N VAL A 26 -6.03 5.18 7.47
CA VAL A 26 -6.62 4.65 6.25
C VAL A 26 -6.53 3.13 6.21
N LEU A 27 -5.38 2.61 6.62
CA LEU A 27 -5.18 1.16 6.67
C LEU A 27 -6.12 0.50 7.66
N GLN A 28 -6.26 1.11 8.84
CA GLN A 28 -7.18 0.62 9.86
C GLN A 28 -8.63 0.69 9.38
N ALA A 29 -8.93 1.72 8.59
CA ALA A 29 -10.27 1.88 8.05
C ALA A 29 -10.62 0.75 7.09
N LYS A 30 -9.59 0.15 6.49
CA LYS A 30 -9.79 -0.94 5.54
C LYS A 30 -9.51 -2.29 6.20
N ASN A 31 -9.30 -2.28 7.51
CA ASN A 31 -9.05 -3.51 8.26
C ASN A 31 -7.74 -4.15 7.84
N TYR A 32 -6.80 -3.32 7.41
CA TYR A 32 -5.46 -3.80 7.05
C TYR A 32 -4.52 -3.73 8.24
N THR A 33 -4.61 -4.73 9.12
CA THR A 33 -3.85 -4.72 10.37
C THR A 33 -2.37 -4.47 10.12
N ILE A 34 -1.81 -3.48 10.79
CA ILE A 34 -0.41 -3.13 10.62
C ILE A 34 0.47 -3.90 11.59
N THR A 35 1.53 -4.52 11.05
CA THR A 35 2.36 -5.44 11.83
C THR A 35 3.62 -4.76 12.32
N GLN A 36 4.05 -3.73 11.60
CA GLN A 36 5.21 -2.95 12.00
C GLN A 36 4.99 -1.46 11.75
N ARG A 37 5.21 -0.65 12.78
CA ARG A 37 5.02 0.79 12.68
C ARG A 37 6.31 1.54 12.97
N ASP A 38 6.84 2.21 11.94
CA ASP A 38 8.08 2.97 12.08
C ASP A 38 7.85 4.46 11.83
N ASP A 39 7.63 5.21 12.90
CA ASP A 39 7.39 6.64 12.79
C ASP A 39 8.63 7.38 12.33
N ALA A 40 9.77 7.04 12.91
CA ALA A 40 11.02 7.74 12.63
C ALA A 40 11.41 7.58 11.16
N GLY A 41 11.14 6.40 10.60
CA GLY A 41 11.48 6.13 9.22
C GLY A 41 10.28 6.31 8.30
N GLN A 42 9.19 6.82 8.87
CA GLN A 42 7.97 7.06 8.10
C GLN A 42 7.63 5.87 7.22
N THR A 43 7.61 4.68 7.81
CA THR A 43 7.37 3.46 7.07
C THR A 43 6.36 2.57 7.80
N LEU A 44 5.38 2.07 7.05
CA LEU A 44 4.41 1.11 7.59
C LEU A 44 4.51 -0.23 6.88
N THR A 45 4.37 -1.31 7.64
CA THR A 45 4.26 -2.64 7.06
C THR A 45 3.03 -3.37 7.58
N THR A 46 2.15 -3.76 6.67
CA THR A 46 0.89 -4.40 7.04
C THR A 46 1.02 -5.92 7.05
N ASP A 47 -0.05 -6.59 7.46
CA ASP A 47 -0.17 -8.04 7.25
C ASP A 47 -0.62 -8.35 5.84
N TRP A 48 -0.99 -9.61 5.62
CA TRP A 48 -1.43 -10.07 4.31
C TRP A 48 -2.79 -9.47 3.95
N VAL A 49 -2.86 -8.83 2.79
CA VAL A 49 -4.14 -8.36 2.25
C VAL A 49 -4.60 -9.25 1.10
N GLN A 50 -5.72 -9.94 1.32
CA GLN A 50 -6.26 -10.84 0.31
C GLN A 50 -7.27 -10.13 -0.58
N TRP A 51 -7.19 -10.39 -1.88
CA TRP A 51 -8.15 -9.86 -2.83
C TRP A 51 -9.23 -10.88 -3.17
N ASN A 52 -10.47 -10.53 -2.88
CA ASN A 52 -11.60 -11.44 -3.11
C ASN A 52 -12.16 -11.28 -4.52
N ARG A 53 -11.81 -12.23 -5.39
CA ARG A 53 -12.32 -12.23 -6.75
C ARG A 53 -13.31 -13.37 -6.96
N LEU A 54 -14.32 -13.13 -7.79
CA LEU A 54 -15.37 -14.12 -8.03
C LEU A 54 -15.09 -14.93 -9.29
N ASP A 55 -14.25 -14.39 -10.16
CA ASP A 55 -13.92 -15.05 -11.42
C ASP A 55 -12.54 -15.69 -11.35
N GLU A 56 -11.92 -15.65 -10.18
CA GLU A 56 -10.61 -16.26 -9.97
C GLU A 56 -10.70 -17.44 -9.04
N ASP A 57 -10.28 -18.61 -9.53
CA ASP A 57 -10.32 -19.83 -8.74
C ASP A 57 -9.29 -19.80 -7.61
N GLU A 58 -8.11 -19.28 -7.92
CA GLU A 58 -7.03 -19.20 -6.95
C GLU A 58 -6.77 -17.75 -6.54
N GLN A 59 -7.42 -17.32 -5.46
CA GLN A 59 -7.30 -15.94 -4.99
C GLN A 59 -5.92 -15.67 -4.42
N TYR A 60 -5.47 -14.42 -4.54
CA TYR A 60 -4.10 -14.07 -4.18
C TYR A 60 -4.07 -13.05 -3.06
N ARG A 61 -2.90 -12.87 -2.44
CA ARG A 61 -2.74 -11.94 -1.34
C ARG A 61 -1.36 -11.32 -1.33
N GLY A 62 -1.27 -10.09 -0.83
CA GLY A 62 -0.02 -9.35 -0.85
C GLY A 62 0.11 -8.46 0.39
N ARG A 63 1.35 -8.17 0.78
CA ARG A 63 1.61 -7.31 1.93
C ARG A 63 1.99 -5.91 1.49
N TYR A 64 1.56 -4.91 2.26
CA TYR A 64 1.79 -3.52 1.92
C TYR A 64 3.05 -3.00 2.62
N GLN A 65 3.97 -2.45 1.83
CA GLN A 65 5.09 -1.70 2.39
C GLN A 65 5.04 -0.24 1.95
N ILE A 66 4.62 0.63 2.88
CA ILE A 66 4.31 2.01 2.54
C ILE A 66 5.27 2.98 3.22
N SER A 67 6.02 3.72 2.42
CA SER A 67 6.93 4.75 2.94
C SER A 67 6.58 6.12 2.39
N VAL A 68 6.53 7.11 3.27
CA VAL A 68 6.15 8.47 2.88
C VAL A 68 7.26 9.46 3.17
N LYS A 69 7.37 10.48 2.34
CA LYS A 69 8.40 11.50 2.50
C LYS A 69 8.13 12.71 1.63
N PRO A 70 8.61 13.88 2.07
CA PRO A 70 8.49 15.09 1.28
C PRO A 70 9.44 15.08 0.10
N GLN A 71 9.09 15.83 -0.95
CA GLN A 71 9.96 15.98 -2.11
C GLN A 71 9.71 17.30 -2.83
N GLY A 72 10.71 18.17 -2.83
CA GLY A 72 10.58 19.49 -3.43
C GLY A 72 9.56 20.33 -2.66
N TYR A 73 8.54 20.80 -3.38
CA TYR A 73 7.47 21.57 -2.76
C TYR A 73 6.20 20.74 -2.61
N GLN A 74 6.32 19.44 -2.85
CA GLN A 74 5.19 18.53 -2.73
C GLN A 74 5.54 17.32 -1.88
N GLN A 75 4.58 16.42 -1.72
CA GLN A 75 4.79 15.20 -0.95
C GLN A 75 4.81 13.97 -1.85
N ALA A 76 5.55 12.95 -1.45
CA ALA A 76 5.62 11.70 -2.21
C ALA A 76 5.23 10.51 -1.34
N VAL A 77 4.47 9.59 -1.93
CA VAL A 77 4.09 8.36 -1.24
C VAL A 77 4.50 7.13 -2.04
N THR A 78 5.32 6.28 -1.43
CA THR A 78 5.81 5.08 -2.09
C THR A 78 5.15 3.83 -1.54
N VAL A 79 4.40 3.13 -2.38
CA VAL A 79 3.68 1.93 -1.97
C VAL A 79 4.22 0.70 -2.68
N LYS A 80 5.03 -0.09 -1.98
CA LYS A 80 5.65 -1.27 -2.56
C LYS A 80 4.88 -2.52 -2.21
N LEU A 81 4.89 -3.50 -3.12
CA LEU A 81 4.42 -4.84 -2.81
C LEU A 81 5.50 -5.65 -2.10
N LEU A 82 5.30 -5.89 -0.82
CA LEU A 82 6.31 -6.54 0.01
C LEU A 82 6.50 -8.00 -0.39
N ASN A 83 5.39 -8.72 -0.51
CA ASN A 83 5.43 -10.11 -0.96
C ASN A 83 4.08 -10.57 -1.48
N LEU A 84 4.08 -11.59 -2.32
CA LEU A 84 2.88 -11.99 -3.05
C LEU A 84 2.69 -13.50 -3.01
N GLU A 85 1.50 -13.93 -2.60
CA GLU A 85 1.14 -15.34 -2.63
C GLU A 85 -0.16 -15.57 -3.40
N GLN A 86 -0.29 -16.75 -4.00
CA GLN A 86 -1.55 -17.16 -4.60
C GLN A 86 -1.94 -18.56 -4.14
N ALA A 87 -3.15 -18.68 -3.60
CA ALA A 87 -3.62 -19.94 -3.06
C ALA A 87 -2.65 -20.49 -2.01
N GLY A 88 -1.99 -19.58 -1.29
CA GLY A 88 -1.12 -19.96 -0.19
C GLY A 88 0.31 -20.20 -0.66
N LYS A 89 0.50 -20.18 -1.97
CA LYS A 89 1.81 -20.45 -2.56
C LYS A 89 2.50 -19.15 -2.97
N PRO A 90 3.83 -19.13 -2.84
CA PRO A 90 4.61 -17.96 -3.19
C PRO A 90 4.59 -17.70 -4.70
N VAL A 91 4.49 -16.44 -5.08
CA VAL A 91 4.49 -16.06 -6.49
C VAL A 91 5.83 -15.45 -6.89
N ALA A 92 6.56 -16.17 -7.74
CA ALA A 92 7.85 -15.68 -8.24
C ALA A 92 7.65 -14.85 -9.50
N ASP A 93 6.47 -14.94 -10.09
CA ASP A 93 6.16 -14.22 -11.32
C ASP A 93 6.19 -12.70 -11.10
N ALA A 94 7.14 -12.03 -11.75
CA ALA A 94 7.31 -10.60 -11.58
C ALA A 94 6.12 -9.82 -12.15
N ALA A 95 5.62 -10.28 -13.29
CA ALA A 95 4.53 -9.59 -13.97
C ALA A 95 3.26 -9.60 -13.12
N SER A 96 3.00 -10.72 -12.48
CA SER A 96 1.87 -10.82 -11.55
C SER A 96 1.97 -9.76 -10.46
N MET A 97 3.17 -9.58 -9.92
CA MET A 97 3.41 -8.58 -8.89
C MET A 97 3.17 -7.18 -9.43
N GLN A 98 3.68 -6.92 -10.63
CA GLN A 98 3.54 -5.61 -11.25
C GLN A 98 2.07 -5.27 -11.48
N ARG A 99 1.28 -6.29 -11.78
CA ARG A 99 -0.15 -6.09 -12.05
C ARG A 99 -0.92 -5.83 -10.77
N TYR A 100 -0.59 -6.57 -9.72
CA TYR A 100 -1.33 -6.51 -8.47
C TYR A 100 -0.88 -5.31 -7.63
N SER A 101 0.27 -4.76 -7.97
CA SER A 101 0.82 -3.60 -7.25
C SER A 101 -0.05 -2.37 -7.48
N THR A 102 -0.87 -2.39 -8.53
CA THR A 102 -1.72 -1.27 -8.86
C THR A 102 -3.09 -1.40 -8.20
N GLU A 103 -3.38 -2.60 -7.71
CA GLU A 103 -4.64 -2.85 -7.00
C GLU A 103 -4.67 -2.12 -5.66
N MET A 104 -3.54 -2.13 -4.96
CA MET A 104 -3.43 -1.43 -3.69
C MET A 104 -3.21 0.06 -3.91
N MET A 105 -2.76 0.43 -5.10
CA MET A 105 -2.54 1.82 -5.44
C MET A 105 -3.83 2.62 -5.42
N ASN A 106 -4.83 2.14 -6.15
CA ASN A 106 -6.12 2.83 -6.24
C ASN A 106 -6.80 2.88 -4.89
N VAL A 107 -6.68 1.81 -4.12
CA VAL A 107 -7.35 1.71 -2.82
C VAL A 107 -6.76 2.68 -1.82
N ILE A 108 -5.43 2.68 -1.70
CA ILE A 108 -4.75 3.52 -0.73
C ILE A 108 -4.90 4.99 -1.08
N SER A 109 -4.80 5.30 -2.37
CA SER A 109 -4.89 6.68 -2.84
C SER A 109 -6.30 7.23 -2.67
N ALA A 110 -7.30 6.36 -2.85
CA ALA A 110 -8.69 6.74 -2.66
C ALA A 110 -8.97 7.10 -1.21
N GLY A 111 -8.39 6.32 -0.29
CA GLY A 111 -8.60 6.55 1.14
C GLY A 111 -7.93 7.83 1.60
N LEU A 112 -6.71 8.05 1.12
CA LEU A 112 -5.93 9.23 1.51
C LEU A 112 -6.55 10.50 0.94
N ASP A 113 -7.13 10.39 -0.25
CA ASP A 113 -7.77 11.53 -0.90
C ASP A 113 -9.08 11.89 -0.23
N LYS A 114 -9.91 10.88 0.02
CA LYS A 114 -11.23 11.09 0.59
C LYS A 114 -11.13 11.48 2.05
N SER A 115 -10.13 10.97 2.75
CA SER A 115 -9.88 11.32 4.14
C SER A 115 -9.63 12.82 4.29
#